data_1ICS
#
_entry.id   1ICS
#
_cell.length_a   53.857
_cell.length_b   72.027
_cell.length_c   72.357
_cell.angle_alpha   62.92
_cell.angle_beta   85.17
_cell.angle_gamma   78.69
#
_symmetry.space_group_name_H-M   'P 1'
#
loop_
_entity.id
_entity.type
_entity.pdbx_description
1 polymer '12-OXOPHYTODIENOATE REDUCTASE 1'
2 non-polymer 'FLAVIN MONONUCLEOTIDE'
3 water water
#
_entity_poly.entity_id   1
_entity_poly.type   'polypeptide(L)'
_entity_poly.pdbx_seq_one_letter_code
;MENKVVEEKQVDKIPLMSPCKMGKFELCHRVVLAPLTRQRSYGYIPQPHAILHYSQRSTNGGLLIGEATVISETGIGYKD
VPGIWTKEQVEAWKPIVDAVHAKGGIFFCQIWHVGRVSNKDFQPNGEDPISCTDRGLTPQIMSNGIDIAHFTRPRRLTTD
EIPQIVNEFRVAARNAIEAGFDGVEIHGAHGYLIDQFMKDQVNDRSDKYGGSLENRCRFALEIVEAVANEIGSDRVGIRI
SPFAHYNEAGDTNPTALGLYMVESLNKYDLAYCHVVEPRMKTAWEKIECTESLVPMRKAYKGTFIVAGGYDREDGNRALI
EDRADLVAYGRLFISNPDLPKRFELNAPLNKYNRDTFYTSDPIVGYTDYPFLETMT
;
_entity_poly.pdbx_strand_id   A,B
#
# COMPACT_ATOMS: atom_id res chain seq x y z
N GLN A 10 17.36 -17.33 -3.94
CA GLN A 10 16.91 -17.00 -5.32
C GLN A 10 17.97 -17.39 -6.35
N VAL A 11 18.54 -16.41 -7.05
CA VAL A 11 19.56 -16.68 -8.07
C VAL A 11 20.81 -15.79 -7.93
N ASP A 12 21.98 -16.39 -8.14
CA ASP A 12 23.23 -15.64 -8.03
C ASP A 12 23.41 -14.65 -9.19
N LYS A 13 23.76 -13.41 -8.85
CA LYS A 13 23.97 -12.37 -9.86
C LYS A 13 25.09 -12.77 -10.80
N ILE A 14 25.00 -12.33 -12.05
CA ILE A 14 26.01 -12.63 -13.04
C ILE A 14 26.42 -11.36 -13.79
N PRO A 15 27.62 -11.37 -14.39
CA PRO A 15 28.15 -10.24 -15.15
C PRO A 15 27.15 -9.62 -16.14
N LEU A 16 26.49 -10.47 -16.94
CA LEU A 16 25.53 -9.99 -17.94
C LEU A 16 24.37 -9.17 -17.36
N MET A 17 24.07 -9.38 -16.08
CA MET A 17 22.98 -8.65 -15.45
C MET A 17 23.42 -7.38 -14.73
N SER A 18 24.72 -7.09 -14.76
CA SER A 18 25.30 -5.90 -14.11
C SER A 18 24.91 -4.58 -14.78
N PRO A 19 24.62 -3.54 -13.98
CA PRO A 19 24.22 -2.23 -14.49
C PRO A 19 25.35 -1.57 -15.28
N CYS A 20 25.03 -0.51 -16.01
CA CYS A 20 26.07 0.14 -16.82
C CYS A 20 25.71 1.56 -17.29
N LYS A 21 26.70 2.44 -17.26
CA LYS A 21 26.48 3.81 -17.70
C LYS A 21 27.08 3.99 -19.08
N MET A 22 26.23 4.09 -20.09
CA MET A 22 26.69 4.26 -21.47
C MET A 22 26.23 5.60 -22.03
N GLY A 23 27.17 6.42 -22.48
CA GLY A 23 26.80 7.71 -23.00
C GLY A 23 26.01 8.38 -21.88
N LYS A 24 24.85 8.95 -22.22
CA LYS A 24 24.00 9.61 -21.24
C LYS A 24 22.92 8.68 -20.66
N PHE A 25 23.10 7.37 -20.83
CA PHE A 25 22.10 6.42 -20.37
C PHE A 25 22.52 5.47 -19.25
N GLU A 26 21.56 5.14 -18.39
CA GLU A 26 21.79 4.23 -17.28
C GLU A 26 21.20 2.86 -17.57
N LEU A 27 21.99 1.95 -18.12
CA LEU A 27 21.48 0.62 -18.44
C LEU A 27 21.37 -0.27 -17.20
N CYS A 28 20.39 -1.17 -17.18
CA CYS A 28 20.21 -2.06 -16.04
C CYS A 28 20.89 -3.41 -16.23
N HIS A 29 21.33 -3.69 -17.45
CA HIS A 29 22.01 -4.95 -17.73
C HIS A 29 22.81 -4.80 -19.01
N ARG A 30 23.59 -5.82 -19.35
CA ARG A 30 24.44 -5.75 -20.53
C ARG A 30 24.06 -6.59 -21.72
N VAL A 31 22.88 -7.17 -21.70
CA VAL A 31 22.44 -7.96 -22.86
C VAL A 31 21.81 -6.97 -23.83
N VAL A 32 22.45 -6.80 -24.99
CA VAL A 32 21.98 -5.87 -26.01
C VAL A 32 21.32 -6.59 -27.19
N LEU A 33 20.24 -6.02 -27.72
CA LEU A 33 19.59 -6.59 -28.88
C LEU A 33 20.38 -6.13 -30.10
N ALA A 34 21.01 -7.05 -30.81
CA ALA A 34 21.79 -6.68 -31.98
C ALA A 34 20.85 -6.23 -33.12
N PRO A 35 21.37 -5.41 -34.05
CA PRO A 35 20.62 -4.89 -35.21
C PRO A 35 20.21 -6.08 -36.06
N LEU A 36 18.92 -6.28 -36.31
CA LEU A 36 18.52 -7.43 -37.13
C LEU A 36 17.56 -7.11 -38.28
N THR A 37 18.04 -7.27 -39.50
CA THR A 37 17.22 -7.04 -40.69
C THR A 37 16.27 -8.23 -40.81
N ARG A 38 14.97 -7.96 -40.75
CA ARG A 38 13.97 -9.03 -40.81
C ARG A 38 13.07 -8.98 -42.06
N GLN A 39 13.28 -7.99 -42.90
CA GLN A 39 12.51 -7.79 -44.13
C GLN A 39 11.00 -7.92 -43.99
N ARG A 40 10.42 -7.34 -42.95
CA ARG A 40 8.98 -7.40 -42.81
C ARG A 40 8.35 -6.00 -42.85
N SER A 41 9.08 -5.04 -43.42
CA SER A 41 8.63 -3.64 -43.51
C SER A 41 8.19 -3.33 -44.94
N TYR A 42 6.98 -3.77 -45.27
CA TYR A 42 6.39 -3.61 -46.60
C TYR A 42 6.42 -2.15 -47.09
N GLY A 43 6.91 -1.97 -48.31
CA GLY A 43 6.98 -0.63 -48.88
C GLY A 43 8.01 0.28 -48.24
N TYR A 44 8.95 -0.32 -47.49
CA TYR A 44 10.02 0.40 -46.80
C TYR A 44 9.48 1.24 -45.69
N ILE A 45 8.28 0.89 -45.25
CA ILE A 45 7.61 1.60 -44.18
C ILE A 45 7.47 0.69 -42.95
N PRO A 46 7.87 1.15 -41.77
CA PRO A 46 7.74 0.30 -40.58
C PRO A 46 6.29 -0.15 -40.43
N GLN A 47 6.08 -1.29 -39.77
CA GLN A 47 4.73 -1.83 -39.65
C GLN A 47 4.28 -2.10 -38.23
N PRO A 48 2.97 -2.30 -38.06
CA PRO A 48 2.40 -2.59 -36.74
C PRO A 48 3.03 -3.80 -36.07
N HIS A 49 3.29 -4.85 -36.82
CA HIS A 49 3.86 -6.04 -36.19
C HIS A 49 5.21 -5.80 -35.51
N ALA A 50 5.98 -4.83 -36.00
CA ALA A 50 7.26 -4.52 -35.38
C ALA A 50 7.01 -3.96 -33.97
N ILE A 51 5.86 -3.32 -33.77
CA ILE A 51 5.53 -2.77 -32.46
C ILE A 51 5.56 -3.90 -31.42
N LEU A 52 4.98 -5.03 -31.79
CA LEU A 52 4.91 -6.18 -30.91
C LEU A 52 6.27 -6.83 -30.80
N HIS A 53 6.98 -6.88 -31.92
CA HIS A 53 8.28 -7.53 -31.90
C HIS A 53 9.25 -6.88 -30.91
N TYR A 54 9.48 -5.59 -31.10
CA TYR A 54 10.39 -4.85 -30.23
C TYR A 54 9.82 -4.70 -28.84
N SER A 55 8.52 -4.81 -28.71
CA SER A 55 7.94 -4.70 -27.38
C SER A 55 8.20 -5.98 -26.60
N GLN A 56 8.08 -7.12 -27.27
CA GLN A 56 8.33 -8.39 -26.58
C GLN A 56 9.76 -8.43 -26.08
N ARG A 57 10.65 -7.68 -26.72
CA ARG A 57 12.05 -7.69 -26.33
C ARG A 57 12.59 -6.52 -25.49
N SER A 58 11.70 -5.64 -25.04
CA SER A 58 12.10 -4.49 -24.25
C SER A 58 12.11 -4.79 -22.76
N THR A 59 13.13 -4.29 -22.07
CA THR A 59 13.23 -4.46 -20.64
C THR A 59 13.67 -3.12 -20.10
N ASN A 60 13.44 -2.89 -18.81
CA ASN A 60 13.83 -1.63 -18.20
C ASN A 60 15.35 -1.47 -18.25
N GLY A 61 15.79 -0.34 -18.80
CA GLY A 61 17.21 -0.08 -18.88
C GLY A 61 17.97 -1.06 -19.77
N GLY A 62 17.26 -1.75 -20.66
CA GLY A 62 17.91 -2.68 -21.58
C GLY A 62 18.08 -1.96 -22.91
N LEU A 63 19.23 -2.15 -23.55
CA LEU A 63 19.46 -1.46 -24.82
C LEU A 63 19.02 -2.28 -26.02
N LEU A 64 18.36 -1.59 -26.94
CA LEU A 64 17.90 -2.21 -28.18
C LEU A 64 18.40 -1.45 -29.38
N ILE A 65 18.98 -2.18 -30.33
CA ILE A 65 19.43 -1.56 -31.54
C ILE A 65 18.50 -2.12 -32.63
N GLY A 66 17.75 -1.23 -33.26
CA GLY A 66 16.81 -1.66 -34.27
C GLY A 66 17.46 -2.14 -35.54
N GLU A 67 16.67 -2.80 -36.38
CA GLU A 67 17.15 -3.30 -37.67
C GLU A 67 17.72 -2.15 -38.52
N ALA A 68 18.63 -2.47 -39.41
CA ALA A 68 19.22 -1.48 -40.29
C ALA A 68 18.12 -0.67 -41.00
N THR A 69 18.15 0.65 -40.83
CA THR A 69 17.14 1.49 -41.46
C THR A 69 17.75 2.34 -42.58
N VAL A 70 17.18 2.22 -43.77
CA VAL A 70 17.69 2.92 -44.94
C VAL A 70 17.59 4.44 -44.87
N ILE A 71 18.67 5.12 -45.24
CA ILE A 71 18.69 6.59 -45.17
C ILE A 71 18.19 7.32 -46.40
N SER A 72 18.23 6.69 -47.56
CA SER A 72 17.76 7.37 -48.75
C SER A 72 17.32 6.34 -49.78
N GLU A 73 16.69 6.81 -50.85
CA GLU A 73 16.22 5.93 -51.92
C GLU A 73 17.36 5.15 -52.54
N THR A 74 18.55 5.75 -52.60
CA THR A 74 19.68 5.08 -53.23
C THR A 74 20.31 4.03 -52.31
N GLY A 75 19.85 3.97 -51.07
CA GLY A 75 20.42 3.01 -50.13
C GLY A 75 19.66 1.70 -49.99
N ILE A 76 18.78 1.41 -50.94
CA ILE A 76 17.98 0.19 -50.90
C ILE A 76 18.61 -0.97 -51.65
N GLY A 77 18.72 -2.10 -50.99
CA GLY A 77 19.31 -3.26 -51.66
C GLY A 77 18.56 -4.55 -51.37
N TYR A 78 17.48 -4.43 -50.61
CA TYR A 78 16.66 -5.57 -50.21
C TYR A 78 15.21 -5.13 -50.10
N LYS A 79 14.31 -6.08 -50.27
CA LYS A 79 12.89 -5.81 -50.17
C LYS A 79 12.47 -5.72 -48.70
N ASP A 80 11.44 -4.92 -48.46
CA ASP A 80 10.82 -4.77 -47.16
C ASP A 80 11.67 -4.40 -45.95
N VAL A 81 12.73 -3.64 -46.19
CA VAL A 81 13.59 -3.15 -45.12
C VAL A 81 13.05 -1.74 -44.86
N PRO A 82 13.04 -1.29 -43.60
CA PRO A 82 12.51 0.05 -43.36
C PRO A 82 13.42 1.21 -43.72
N GLY A 83 12.81 2.35 -44.02
CA GLY A 83 13.56 3.54 -44.35
C GLY A 83 13.24 4.61 -43.33
N ILE A 84 13.95 5.73 -43.38
CA ILE A 84 13.66 6.81 -42.45
C ILE A 84 13.96 8.17 -43.09
N TRP A 85 13.60 8.30 -44.37
CA TRP A 85 13.81 9.55 -45.09
C TRP A 85 12.51 10.29 -45.45
N THR A 86 11.35 9.69 -45.11
CA THR A 86 10.06 10.33 -45.40
C THR A 86 9.21 10.47 -44.14
N LYS A 87 8.36 11.49 -44.13
CA LYS A 87 7.48 11.74 -42.98
C LYS A 87 6.64 10.51 -42.69
N GLU A 88 6.22 9.84 -43.76
CA GLU A 88 5.40 8.65 -43.63
C GLU A 88 6.17 7.58 -42.84
N GLN A 89 7.47 7.48 -43.08
CA GLN A 89 8.29 6.50 -42.37
C GLN A 89 8.51 6.96 -40.93
N VAL A 90 8.77 8.24 -40.74
CA VAL A 90 8.99 8.75 -39.40
C VAL A 90 7.78 8.53 -38.50
N GLU A 91 6.58 8.65 -39.06
CA GLU A 91 5.38 8.44 -38.26
C GLU A 91 5.17 6.96 -37.98
N ALA A 92 5.60 6.11 -38.89
CA ALA A 92 5.42 4.68 -38.69
C ALA A 92 6.33 4.13 -37.58
N TRP A 93 7.48 4.76 -37.37
CA TRP A 93 8.42 4.35 -36.33
C TRP A 93 7.96 4.71 -34.92
N LYS A 94 7.31 5.87 -34.81
CA LYS A 94 6.85 6.38 -33.52
C LYS A 94 6.17 5.39 -32.58
N PRO A 95 5.12 4.68 -33.05
CA PRO A 95 4.44 3.72 -32.18
C PRO A 95 5.38 2.57 -31.75
N ILE A 96 6.38 2.29 -32.59
CA ILE A 96 7.31 1.23 -32.27
C ILE A 96 8.22 1.75 -31.17
N VAL A 97 8.74 2.95 -31.37
CA VAL A 97 9.61 3.57 -30.39
C VAL A 97 8.88 3.68 -29.05
N ASP A 98 7.65 4.17 -29.08
CA ASP A 98 6.88 4.32 -27.83
C ASP A 98 6.67 3.01 -27.09
N ALA A 99 6.52 1.92 -27.83
CA ALA A 99 6.27 0.64 -27.18
C ALA A 99 7.54 0.18 -26.46
N VAL A 100 8.70 0.47 -27.03
CA VAL A 100 9.95 0.08 -26.40
C VAL A 100 10.10 0.91 -25.13
N HIS A 101 9.86 2.20 -25.27
CA HIS A 101 9.98 3.12 -24.15
C HIS A 101 9.01 2.79 -23.04
N ALA A 102 7.85 2.28 -23.41
CA ALA A 102 6.81 1.93 -22.46
C ALA A 102 7.28 0.89 -21.45
N LYS A 103 8.28 0.10 -21.84
CA LYS A 103 8.81 -0.90 -20.92
C LYS A 103 10.15 -0.43 -20.34
N GLY A 104 10.55 0.79 -20.70
CA GLY A 104 11.78 1.34 -20.18
C GLY A 104 13.06 1.05 -20.94
N GLY A 105 12.94 0.58 -22.18
CA GLY A 105 14.13 0.28 -22.93
C GLY A 105 14.73 1.52 -23.56
N ILE A 106 15.99 1.43 -23.97
CA ILE A 106 16.67 2.52 -24.65
C ILE A 106 16.82 1.98 -26.06
N PHE A 107 16.36 2.78 -27.03
CA PHE A 107 16.31 2.38 -28.43
C PHE A 107 17.18 3.22 -29.36
N PHE A 108 18.09 2.56 -30.06
CA PHE A 108 18.91 3.27 -31.04
C PHE A 108 18.51 2.81 -32.44
N CYS A 109 18.38 3.77 -33.36
CA CYS A 109 18.04 3.45 -34.73
C CYS A 109 19.31 3.25 -35.53
N GLN A 110 19.48 2.09 -36.18
CA GLN A 110 20.68 1.90 -36.97
C GLN A 110 20.46 2.46 -38.38
N ILE A 111 21.21 3.49 -38.75
CA ILE A 111 21.05 4.10 -40.06
C ILE A 111 21.99 3.47 -41.07
N TRP A 112 21.46 3.23 -42.27
CA TRP A 112 22.17 2.45 -43.29
C TRP A 112 22.03 2.84 -44.77
N HIS A 113 23.09 2.54 -45.51
CA HIS A 113 23.15 2.72 -46.96
C HIS A 113 23.98 1.53 -47.48
N VAL A 114 23.40 0.77 -48.41
CA VAL A 114 24.04 -0.42 -48.96
C VAL A 114 25.13 -0.15 -49.97
N GLY A 115 25.19 1.07 -50.48
CA GLY A 115 26.17 1.38 -51.49
C GLY A 115 26.00 0.42 -52.66
N ARG A 116 27.10 -0.21 -53.06
CA ARG A 116 27.09 -1.15 -54.19
C ARG A 116 26.30 -2.45 -53.93
N VAL A 117 25.98 -2.76 -52.69
CA VAL A 117 25.23 -3.98 -52.45
C VAL A 117 23.78 -3.69 -52.82
N SER A 118 23.52 -3.61 -54.12
CA SER A 118 22.19 -3.31 -54.61
C SER A 118 22.07 -3.66 -56.09
N ASN A 119 20.93 -3.32 -56.68
CA ASN A 119 20.62 -3.58 -58.07
C ASN A 119 19.84 -2.36 -58.61
N LYS A 120 19.94 -2.10 -59.91
CA LYS A 120 19.24 -0.96 -60.46
C LYS A 120 17.73 -1.04 -60.27
N ASP A 121 17.19 -2.25 -60.13
CA ASP A 121 15.75 -2.40 -59.91
C ASP A 121 15.28 -1.85 -58.57
N PHE A 122 16.21 -1.56 -57.66
CA PHE A 122 15.87 -1.02 -56.34
C PHE A 122 16.11 0.49 -56.35
N GLN A 123 16.90 0.93 -57.32
CA GLN A 123 17.30 2.32 -57.47
C GLN A 123 16.27 3.18 -58.17
N PRO A 124 16.18 4.47 -57.80
CA PRO A 124 15.23 5.40 -58.43
C PRO A 124 15.58 5.57 -59.90
N ASN A 125 14.60 5.38 -60.77
CA ASN A 125 14.80 5.53 -62.22
C ASN A 125 15.76 4.50 -62.84
N GLY A 126 15.97 3.38 -62.16
CA GLY A 126 16.87 2.37 -62.69
C GLY A 126 18.32 2.83 -62.70
N GLU A 127 18.61 3.84 -61.88
CA GLU A 127 19.98 4.36 -61.78
C GLU A 127 20.91 3.32 -61.20
N ASP A 128 22.20 3.50 -61.42
CA ASP A 128 23.17 2.58 -60.89
C ASP A 128 23.41 2.87 -59.42
N PRO A 129 23.75 1.82 -58.65
CA PRO A 129 24.02 2.02 -57.22
C PRO A 129 25.28 2.89 -57.11
N ILE A 130 25.49 3.50 -55.95
CA ILE A 130 26.66 4.34 -55.75
C ILE A 130 27.63 3.64 -54.78
N SER A 131 28.91 3.88 -54.98
CA SER A 131 29.95 3.29 -54.16
C SER A 131 31.25 4.10 -54.34
N CYS A 132 32.30 3.65 -53.66
CA CYS A 132 33.60 4.30 -53.73
C CYS A 132 34.33 3.77 -54.96
N THR A 133 33.80 2.67 -55.52
CA THR A 133 34.38 2.01 -56.69
C THR A 133 33.33 1.81 -57.79
N ASP A 134 33.76 1.35 -58.95
CA ASP A 134 32.83 1.08 -60.05
C ASP A 134 32.75 -0.42 -60.28
N ARG A 135 33.38 -1.19 -59.39
CA ARG A 135 33.37 -2.64 -59.49
C ARG A 135 32.16 -3.17 -58.74
N GLY A 136 31.41 -4.07 -59.38
CA GLY A 136 30.23 -4.64 -58.75
C GLY A 136 30.50 -6.00 -58.11
N LEU A 137 29.50 -6.54 -57.44
CA LEU A 137 29.62 -7.82 -56.76
C LEU A 137 29.22 -8.97 -57.67
N THR A 138 29.73 -10.16 -57.39
CA THR A 138 29.36 -11.32 -58.17
C THR A 138 28.07 -11.83 -57.53
N PRO A 139 27.29 -12.64 -58.25
CA PRO A 139 26.04 -13.16 -57.70
C PRO A 139 26.19 -13.92 -56.38
N GLN A 140 25.14 -13.86 -55.57
CA GLN A 140 25.10 -14.53 -54.28
C GLN A 140 23.80 -15.30 -54.18
N ILE A 141 23.79 -16.35 -53.38
CA ILE A 141 22.57 -17.12 -53.21
C ILE A 141 21.82 -16.48 -52.06
N MET A 142 20.53 -16.20 -52.25
CA MET A 142 19.74 -15.60 -51.19
C MET A 142 19.58 -16.58 -50.03
N SER A 143 18.95 -16.14 -48.95
CA SER A 143 18.77 -16.97 -47.76
C SER A 143 18.08 -18.32 -47.97
N ASN A 144 17.07 -18.36 -48.84
CA ASN A 144 16.35 -19.60 -49.07
C ASN A 144 17.09 -20.65 -49.91
N GLY A 145 18.32 -20.36 -50.31
CA GLY A 145 19.08 -21.31 -51.10
C GLY A 145 18.45 -21.71 -52.44
N ILE A 146 17.46 -20.94 -52.89
CA ILE A 146 16.78 -21.23 -54.15
C ILE A 146 16.97 -20.09 -55.15
N ASP A 147 17.12 -18.87 -54.65
CA ASP A 147 17.26 -17.74 -55.53
C ASP A 147 18.64 -17.09 -55.53
N ILE A 148 19.03 -16.63 -56.71
CA ILE A 148 20.31 -15.99 -56.89
C ILE A 148 20.12 -14.49 -56.99
N ALA A 149 20.84 -13.75 -56.14
CA ALA A 149 20.78 -12.30 -56.12
C ALA A 149 21.84 -11.73 -57.08
N HIS A 150 21.42 -10.84 -57.98
CA HIS A 150 22.36 -10.23 -58.91
C HIS A 150 22.54 -8.78 -58.50
N PHE A 151 23.71 -8.23 -58.83
CA PHE A 151 24.02 -6.86 -58.48
C PHE A 151 24.43 -6.06 -59.69
N THR A 152 24.12 -4.76 -59.68
CA THR A 152 24.49 -3.92 -60.79
C THR A 152 25.82 -3.30 -60.39
N ARG A 153 26.67 -3.02 -61.38
CA ARG A 153 27.95 -2.37 -61.12
C ARG A 153 27.63 -0.97 -60.57
N PRO A 154 28.30 -0.55 -59.49
CA PRO A 154 27.99 0.79 -58.98
C PRO A 154 28.76 1.89 -59.73
N ARG A 155 28.36 3.14 -59.54
CA ARG A 155 29.12 4.21 -60.16
C ARG A 155 29.99 4.77 -59.05
N ARG A 156 31.22 5.12 -59.40
CA ARG A 156 32.18 5.67 -58.45
C ARG A 156 31.84 7.11 -58.16
N LEU A 157 31.40 7.40 -56.95
CA LEU A 157 31.06 8.76 -56.56
C LEU A 157 32.26 9.66 -56.80
N THR A 158 31.98 10.92 -57.16
CA THR A 158 33.02 11.91 -57.40
C THR A 158 33.39 12.49 -56.04
N THR A 159 34.52 13.17 -55.99
CA THR A 159 35.01 13.78 -54.76
C THR A 159 34.03 14.74 -54.12
N ASP A 160 33.58 15.75 -54.86
CA ASP A 160 32.67 16.74 -54.25
C ASP A 160 31.23 16.31 -54.12
N GLU A 161 30.90 15.12 -54.59
CA GLU A 161 29.54 14.61 -54.47
C GLU A 161 29.37 13.91 -53.12
N ILE A 162 30.47 13.33 -52.61
CA ILE A 162 30.45 12.60 -51.34
C ILE A 162 29.84 13.36 -50.14
N PRO A 163 30.16 14.65 -49.99
CA PRO A 163 29.59 15.38 -48.85
C PRO A 163 28.05 15.33 -48.83
N GLN A 164 27.41 15.24 -50.00
CA GLN A 164 25.96 15.16 -50.06
C GLN A 164 25.52 13.85 -49.45
N ILE A 165 26.28 12.78 -49.73
CA ILE A 165 25.97 11.48 -49.17
C ILE A 165 26.17 11.57 -47.67
N VAL A 166 27.27 12.19 -47.24
CA VAL A 166 27.50 12.34 -45.81
C VAL A 166 26.27 13.02 -45.22
N ASN A 167 25.75 14.03 -45.92
CA ASN A 167 24.57 14.76 -45.42
C ASN A 167 23.34 13.88 -45.23
N GLU A 168 23.19 12.84 -46.05
CA GLU A 168 22.04 11.93 -45.91
C GLU A 168 22.02 11.21 -44.55
N PHE A 169 23.20 10.88 -44.04
CA PHE A 169 23.26 10.26 -42.72
C PHE A 169 22.83 11.28 -41.68
N ARG A 170 23.22 12.53 -41.91
CA ARG A 170 22.88 13.62 -41.01
C ARG A 170 21.36 13.77 -40.88
N VAL A 171 20.67 13.90 -42.01
CA VAL A 171 19.22 14.05 -42.00
C VAL A 171 18.55 12.84 -41.37
N ALA A 172 19.00 11.64 -41.74
CA ALA A 172 18.45 10.40 -41.18
C ALA A 172 18.52 10.42 -39.66
N ALA A 173 19.69 10.79 -39.15
CA ALA A 173 19.91 10.87 -37.72
C ALA A 173 18.88 11.81 -37.11
N ARG A 174 18.68 12.96 -37.74
CA ARG A 174 17.72 13.94 -37.25
C ARG A 174 16.32 13.34 -37.26
N ASN A 175 15.98 12.68 -38.35
CA ASN A 175 14.67 12.06 -38.47
C ASN A 175 14.45 11.01 -37.38
N ALA A 176 15.46 10.20 -37.09
CA ALA A 176 15.30 9.20 -36.05
C ALA A 176 14.93 9.87 -34.72
N ILE A 177 15.58 11.00 -34.44
CA ILE A 177 15.31 11.75 -33.21
C ILE A 177 13.85 12.24 -33.26
N GLU A 178 13.40 12.64 -34.44
CA GLU A 178 12.04 13.12 -34.62
C GLU A 178 11.06 11.96 -34.36
N ALA A 179 11.48 10.75 -34.70
CA ALA A 179 10.68 9.54 -34.49
C ALA A 179 10.68 9.14 -33.02
N GLY A 180 11.60 9.71 -32.24
CA GLY A 180 11.66 9.41 -30.83
C GLY A 180 12.78 8.49 -30.36
N PHE A 181 13.65 8.06 -31.26
CA PHE A 181 14.76 7.18 -30.88
C PHE A 181 15.72 7.85 -29.91
N ASP A 182 16.23 7.09 -28.95
CA ASP A 182 17.15 7.64 -27.96
C ASP A 182 18.48 8.00 -28.60
N GLY A 183 18.76 7.40 -29.75
CA GLY A 183 20.01 7.65 -30.44
C GLY A 183 20.09 6.88 -31.75
N VAL A 184 21.23 6.96 -32.44
CA VAL A 184 21.40 6.25 -33.69
C VAL A 184 22.74 5.52 -33.73
N GLU A 185 22.78 4.43 -34.47
CA GLU A 185 24.01 3.67 -34.62
C GLU A 185 24.30 3.79 -36.08
N ILE A 186 25.51 4.22 -36.41
CA ILE A 186 25.89 4.38 -37.80
C ILE A 186 26.30 3.00 -38.31
N HIS A 187 25.71 2.55 -39.41
CA HIS A 187 26.06 1.24 -39.93
C HIS A 187 27.34 1.31 -40.73
N GLY A 188 28.46 1.01 -40.08
CA GLY A 188 29.73 1.04 -40.77
C GLY A 188 30.32 -0.34 -40.96
N ALA A 189 29.47 -1.35 -41.07
CA ALA A 189 29.98 -2.69 -41.24
C ALA A 189 29.43 -3.46 -42.41
N HIS A 190 29.80 -4.75 -42.43
CA HIS A 190 29.37 -5.74 -43.41
C HIS A 190 29.41 -5.44 -44.89
N GLY A 191 30.41 -4.70 -45.33
CA GLY A 191 30.53 -4.43 -46.74
C GLY A 191 29.57 -3.41 -47.34
N TYR A 192 28.92 -2.62 -46.51
CA TYR A 192 28.00 -1.63 -47.05
C TYR A 192 28.75 -0.33 -47.40
N LEU A 193 28.04 0.71 -47.84
CA LEU A 193 28.70 1.95 -48.27
C LEU A 193 29.89 2.44 -47.45
N ILE A 194 29.69 2.63 -46.15
CA ILE A 194 30.77 3.11 -45.29
C ILE A 194 31.93 2.11 -45.24
N ASP A 195 31.61 0.83 -45.10
CA ASP A 195 32.64 -0.19 -45.04
C ASP A 195 33.34 -0.28 -46.40
N GLN A 196 32.59 -0.10 -47.49
CA GLN A 196 33.16 -0.13 -48.82
C GLN A 196 34.30 0.89 -48.94
N PHE A 197 34.12 2.06 -48.32
CA PHE A 197 35.16 3.10 -48.35
C PHE A 197 36.37 2.75 -47.48
N MET A 198 36.15 2.07 -46.36
CA MET A 198 37.21 1.68 -45.45
C MET A 198 38.10 0.54 -45.92
N LYS A 199 37.49 -0.50 -46.48
CA LYS A 199 38.23 -1.68 -46.93
C LYS A 199 39.06 -1.49 -48.19
N ASP A 200 40.36 -1.77 -48.08
CA ASP A 200 41.29 -1.61 -49.21
C ASP A 200 41.04 -2.55 -50.39
N GLN A 201 40.34 -3.65 -50.18
CA GLN A 201 40.06 -4.55 -51.31
C GLN A 201 38.96 -3.98 -52.16
N VAL A 202 38.34 -2.90 -51.68
CA VAL A 202 37.24 -2.27 -52.40
C VAL A 202 37.60 -0.85 -52.84
N ASN A 203 38.07 -0.03 -51.91
CA ASN A 203 38.42 1.35 -52.17
C ASN A 203 39.64 1.47 -53.06
N ASP A 204 39.42 1.85 -54.31
CA ASP A 204 40.47 2.00 -55.29
C ASP A 204 40.59 3.45 -55.74
N ARG A 205 40.21 4.38 -54.87
CA ARG A 205 40.23 5.80 -55.18
C ARG A 205 41.61 6.47 -55.15
N SER A 206 41.74 7.51 -55.96
CA SER A 206 42.99 8.27 -56.05
C SER A 206 42.86 9.67 -55.46
N ASP A 207 41.71 9.98 -54.85
CA ASP A 207 41.47 11.29 -54.26
C ASP A 207 41.64 11.21 -52.74
N LYS A 208 41.16 12.20 -52.00
CA LYS A 208 41.31 12.19 -50.54
C LYS A 208 40.47 11.18 -49.77
N TYR A 209 39.69 10.39 -50.48
CA TYR A 209 38.85 9.36 -49.84
C TYR A 209 39.40 7.95 -50.13
N GLY A 210 40.64 7.88 -50.61
CA GLY A 210 41.24 6.59 -50.90
C GLY A 210 42.75 6.57 -50.71
N GLY A 211 43.33 5.37 -50.84
CA GLY A 211 44.76 5.21 -50.68
C GLY A 211 45.16 4.87 -49.26
N SER A 212 45.62 5.88 -48.52
CA SER A 212 46.04 5.69 -47.15
C SER A 212 44.89 5.28 -46.25
N LEU A 213 45.26 4.67 -45.14
CA LEU A 213 44.30 4.22 -44.14
C LEU A 213 43.52 5.44 -43.66
N GLU A 214 44.19 6.58 -43.61
CA GLU A 214 43.56 7.81 -43.17
C GLU A 214 42.48 8.31 -44.14
N ASN A 215 42.75 8.24 -45.44
CA ASN A 215 41.78 8.71 -46.43
C ASN A 215 40.57 7.79 -46.53
N ARG A 216 40.80 6.48 -46.39
CA ARG A 216 39.74 5.48 -46.46
C ARG A 216 38.73 5.60 -45.32
N CYS A 217 39.15 6.18 -44.21
CA CYS A 217 38.27 6.33 -43.06
C CYS A 217 37.64 7.72 -42.98
N ARG A 218 38.06 8.60 -43.87
CA ARG A 218 37.56 9.96 -43.86
C ARG A 218 36.05 10.01 -43.99
N PHE A 219 35.52 9.23 -44.92
CA PHE A 219 34.08 9.15 -45.15
C PHE A 219 33.36 8.81 -43.86
N ALA A 220 33.74 7.71 -43.24
CA ALA A 220 33.11 7.29 -41.99
C ALA A 220 33.27 8.37 -40.93
N LEU A 221 34.46 8.94 -40.83
CA LEU A 221 34.72 9.96 -39.85
C LEU A 221 33.95 11.25 -40.13
N GLU A 222 33.79 11.60 -41.41
CA GLU A 222 33.02 12.79 -41.74
C GLU A 222 31.58 12.52 -41.32
N ILE A 223 31.13 11.27 -41.53
CA ILE A 223 29.78 10.88 -41.15
C ILE A 223 29.57 10.96 -39.63
N VAL A 224 30.53 10.44 -38.88
CA VAL A 224 30.43 10.47 -37.43
C VAL A 224 30.34 11.92 -36.97
N GLU A 225 31.11 12.77 -37.63
CA GLU A 225 31.16 14.19 -37.30
C GLU A 225 29.84 14.88 -37.62
N ALA A 226 29.30 14.63 -38.81
CA ALA A 226 28.04 15.25 -39.19
C ALA A 226 26.92 14.85 -38.22
N VAL A 227 26.84 13.55 -37.94
CA VAL A 227 25.80 13.03 -37.05
C VAL A 227 25.93 13.50 -35.61
N ALA A 228 27.15 13.45 -35.06
CA ALA A 228 27.35 13.91 -33.68
C ALA A 228 26.93 15.39 -33.58
N ASN A 229 27.43 16.23 -34.49
CA ASN A 229 27.07 17.64 -34.46
C ASN A 229 25.56 17.82 -34.57
N GLU A 230 24.92 17.04 -35.46
CA GLU A 230 23.48 17.15 -35.65
C GLU A 230 22.63 16.77 -34.45
N ILE A 231 22.89 15.62 -33.84
CA ILE A 231 22.06 15.19 -32.71
C ILE A 231 22.75 15.08 -31.36
N GLY A 232 24.06 15.35 -31.34
CA GLY A 232 24.81 15.24 -30.09
C GLY A 232 25.52 13.90 -30.08
N SER A 233 26.84 13.93 -29.85
CA SER A 233 27.64 12.71 -29.84
C SER A 233 27.25 11.68 -28.79
N ASP A 234 26.68 12.12 -27.68
CA ASP A 234 26.27 11.21 -26.62
C ASP A 234 25.01 10.42 -26.99
N ARG A 235 24.50 10.66 -28.20
CA ARG A 235 23.30 9.97 -28.70
C ARG A 235 23.72 9.23 -29.97
N VAL A 236 25.02 9.02 -30.15
CA VAL A 236 25.56 8.39 -31.34
C VAL A 236 26.49 7.21 -31.09
N GLY A 237 26.25 6.13 -31.82
CA GLY A 237 27.07 4.96 -31.71
C GLY A 237 27.48 4.64 -33.13
N ILE A 238 28.40 3.70 -33.32
CA ILE A 238 28.80 3.31 -34.66
C ILE A 238 29.22 1.86 -34.62
N ARG A 239 28.91 1.13 -35.69
CA ARG A 239 29.27 -0.29 -35.75
C ARG A 239 30.26 -0.52 -36.87
N ILE A 240 31.24 -1.36 -36.61
CA ILE A 240 32.24 -1.66 -37.62
C ILE A 240 32.58 -3.13 -37.57
N SER A 241 33.14 -3.64 -38.64
CA SER A 241 33.51 -5.05 -38.73
C SER A 241 34.78 -5.11 -39.56
N PRO A 242 35.90 -4.68 -38.99
CA PRO A 242 37.20 -4.66 -39.66
C PRO A 242 37.61 -6.02 -40.19
N PHE A 243 37.26 -7.08 -39.46
CA PHE A 243 37.64 -8.44 -39.84
C PHE A 243 36.67 -9.18 -40.76
N ALA A 244 35.45 -8.68 -40.91
CA ALA A 244 34.47 -9.33 -41.77
C ALA A 244 34.81 -9.21 -43.25
N HIS A 245 34.39 -10.19 -44.03
CA HIS A 245 34.65 -10.19 -45.47
C HIS A 245 33.35 -10.16 -46.28
N TYR A 246 32.23 -9.94 -45.60
CA TYR A 246 30.93 -9.90 -46.25
C TYR A 246 30.91 -8.98 -47.45
N ASN A 247 30.19 -9.41 -48.48
CA ASN A 247 30.04 -8.63 -49.70
C ASN A 247 31.39 -8.22 -50.26
N GLU A 248 32.30 -9.19 -50.29
CA GLU A 248 33.63 -9.01 -50.84
C GLU A 248 34.32 -7.74 -50.36
N ALA A 249 34.19 -7.45 -49.07
CA ALA A 249 34.80 -6.25 -48.51
C ALA A 249 35.88 -6.53 -47.48
N GLY A 250 36.94 -7.21 -47.89
CA GLY A 250 38.02 -7.52 -46.98
C GLY A 250 39.10 -6.45 -47.04
N ASP A 251 39.95 -6.41 -46.01
CA ASP A 251 41.05 -5.45 -45.94
C ASP A 251 42.32 -6.24 -45.66
N THR A 252 43.45 -5.80 -46.24
CA THR A 252 44.71 -6.51 -46.05
C THR A 252 45.37 -6.28 -44.70
N ASN A 253 44.75 -5.48 -43.83
CA ASN A 253 45.31 -5.23 -42.51
C ASN A 253 44.19 -4.82 -41.56
N PRO A 254 43.28 -5.77 -41.28
CA PRO A 254 42.10 -5.59 -40.41
C PRO A 254 42.42 -5.00 -39.04
N THR A 255 43.51 -5.48 -38.46
CA THR A 255 43.92 -5.05 -37.13
C THR A 255 44.28 -3.57 -37.07
N ALA A 256 45.05 -3.09 -38.03
CA ALA A 256 45.43 -1.68 -38.05
C ALA A 256 44.21 -0.85 -38.41
N LEU A 257 43.38 -1.37 -39.31
CA LEU A 257 42.18 -0.68 -39.72
C LEU A 257 41.29 -0.50 -38.51
N GLY A 258 41.20 -1.54 -37.69
CA GLY A 258 40.38 -1.47 -36.50
C GLY A 258 40.94 -0.53 -35.47
N LEU A 259 42.26 -0.58 -35.28
CA LEU A 259 42.93 0.26 -34.30
C LEU A 259 42.85 1.72 -34.74
N TYR A 260 42.97 1.96 -36.04
CA TYR A 260 42.90 3.32 -36.55
C TYR A 260 41.54 3.95 -36.25
N MET A 261 40.48 3.21 -36.56
CA MET A 261 39.14 3.69 -36.33
C MET A 261 38.83 3.96 -34.88
N VAL A 262 39.13 3.01 -33.98
CA VAL A 262 38.80 3.28 -32.59
C VAL A 262 39.57 4.49 -32.06
N GLU A 263 40.85 4.59 -32.42
CA GLU A 263 41.64 5.71 -31.94
C GLU A 263 41.06 7.01 -32.49
N SER A 264 40.63 6.98 -33.74
CA SER A 264 40.06 8.18 -34.35
C SER A 264 38.71 8.52 -33.74
N LEU A 265 38.01 7.54 -33.19
CA LEU A 265 36.71 7.81 -32.61
C LEU A 265 36.78 8.39 -31.19
N ASN A 266 37.94 8.29 -30.55
CA ASN A 266 38.06 8.81 -29.19
C ASN A 266 37.80 10.31 -29.10
N LYS A 267 38.20 11.06 -30.11
CA LYS A 267 37.99 12.50 -30.05
C LYS A 267 36.53 12.92 -30.11
N TYR A 268 35.66 12.02 -30.53
CA TYR A 268 34.24 12.33 -30.67
C TYR A 268 33.32 12.13 -29.48
N ASP A 269 33.79 11.52 -28.40
CA ASP A 269 32.94 11.38 -27.21
C ASP A 269 31.61 10.69 -27.53
N LEU A 270 31.66 9.60 -28.30
CA LEU A 270 30.45 8.88 -28.67
C LEU A 270 29.77 8.11 -27.54
N ALA A 271 28.56 7.63 -27.80
CA ALA A 271 27.84 6.84 -26.80
C ALA A 271 28.48 5.45 -26.73
N TYR A 272 29.05 4.98 -27.83
CA TYR A 272 29.69 3.67 -27.85
C TYR A 272 30.27 3.27 -29.20
N CYS A 273 31.13 2.24 -29.17
CA CYS A 273 31.71 1.69 -30.39
C CYS A 273 31.29 0.23 -30.35
N HIS A 274 30.66 -0.22 -31.44
CA HIS A 274 30.15 -1.57 -31.56
C HIS A 274 31.01 -2.27 -32.60
N VAL A 275 31.70 -3.31 -32.17
CA VAL A 275 32.58 -4.03 -33.09
C VAL A 275 32.16 -5.47 -33.19
N VAL A 276 32.17 -6.00 -34.40
CA VAL A 276 31.81 -7.39 -34.62
C VAL A 276 33.03 -8.30 -34.50
N GLU A 277 32.89 -9.37 -33.73
CA GLU A 277 33.95 -10.37 -33.53
C GLU A 277 34.26 -11.06 -34.85
N PRO A 278 35.52 -11.42 -35.07
CA PRO A 278 35.90 -12.11 -36.31
C PRO A 278 35.30 -13.51 -36.32
N ARG A 279 34.83 -13.94 -37.48
CA ARG A 279 34.22 -15.28 -37.61
C ARG A 279 35.29 -16.34 -37.80
N THR A 290 46.69 -13.56 -34.10
CA THR A 290 45.62 -13.65 -35.09
C THR A 290 44.80 -12.34 -35.11
N GLU A 291 43.48 -12.47 -35.07
CA GLU A 291 42.60 -11.31 -35.09
C GLU A 291 41.86 -11.24 -33.78
N SER A 292 41.88 -10.07 -33.16
CA SER A 292 41.25 -9.91 -31.88
C SER A 292 40.69 -8.52 -31.75
N LEU A 293 39.71 -8.36 -30.86
CA LEU A 293 39.13 -7.06 -30.64
C LEU A 293 39.76 -6.47 -29.39
N VAL A 294 40.52 -7.30 -28.67
CA VAL A 294 41.16 -6.85 -27.44
C VAL A 294 41.92 -5.54 -27.63
N PRO A 295 42.84 -5.51 -28.61
CA PRO A 295 43.59 -4.27 -28.86
C PRO A 295 42.66 -3.07 -29.05
N MET A 296 41.62 -3.24 -29.88
CA MET A 296 40.68 -2.15 -30.14
C MET A 296 39.98 -1.75 -28.85
N ARG A 297 39.59 -2.74 -28.05
CA ARG A 297 38.93 -2.45 -26.79
C ARG A 297 39.89 -1.64 -25.94
N LYS A 298 41.16 -2.00 -25.99
CA LYS A 298 42.17 -1.30 -25.20
C LYS A 298 42.42 0.13 -25.67
N ALA A 299 42.45 0.33 -26.98
CA ALA A 299 42.70 1.65 -27.53
C ALA A 299 41.47 2.56 -27.47
N TYR A 300 40.28 1.97 -27.39
CA TYR A 300 39.05 2.77 -27.35
C TYR A 300 38.77 3.19 -25.91
N LYS A 301 38.47 4.47 -25.71
CA LYS A 301 38.23 4.98 -24.37
C LYS A 301 36.77 4.97 -23.93
N GLY A 302 35.85 4.63 -24.81
CA GLY A 302 34.45 4.63 -24.42
C GLY A 302 33.84 3.26 -24.22
N THR A 303 32.52 3.22 -24.30
CA THR A 303 31.79 1.97 -24.13
C THR A 303 32.01 1.07 -25.35
N PHE A 304 32.44 -0.16 -25.11
CA PHE A 304 32.72 -1.11 -26.19
C PHE A 304 31.65 -2.21 -26.26
N ILE A 305 30.96 -2.30 -27.39
CA ILE A 305 29.94 -3.35 -27.54
C ILE A 305 30.51 -4.37 -28.49
N VAL A 306 30.41 -5.66 -28.14
CA VAL A 306 30.90 -6.72 -29.02
C VAL A 306 29.74 -7.62 -29.40
N ALA A 307 29.88 -8.30 -30.54
CA ALA A 307 28.84 -9.22 -31.01
C ALA A 307 29.41 -10.26 -31.94
N GLY A 308 28.68 -11.36 -32.09
CA GLY A 308 29.13 -12.38 -33.01
C GLY A 308 29.41 -13.74 -32.40
N GLY A 309 28.40 -14.59 -32.37
CA GLY A 309 28.54 -15.95 -31.84
C GLY A 309 28.49 -16.16 -30.34
N TYR A 310 27.97 -15.20 -29.60
CA TYR A 310 27.91 -15.32 -28.16
C TYR A 310 26.74 -16.12 -27.62
N ASP A 311 26.92 -16.59 -26.40
CA ASP A 311 25.90 -17.34 -25.67
C ASP A 311 25.99 -16.76 -24.27
N ARG A 312 25.32 -17.37 -23.30
CA ARG A 312 25.35 -16.86 -21.94
C ARG A 312 26.75 -16.95 -21.29
N GLU A 313 27.40 -18.08 -21.53
CA GLU A 313 28.73 -18.35 -21.02
C GLU A 313 29.77 -17.35 -21.57
N ASP A 314 29.91 -17.28 -22.90
CA ASP A 314 30.86 -16.37 -23.52
C ASP A 314 30.56 -14.91 -23.19
N GLY A 315 29.29 -14.60 -22.98
CA GLY A 315 28.92 -13.25 -22.65
C GLY A 315 29.51 -12.88 -21.32
N ASN A 316 29.19 -13.68 -20.31
CA ASN A 316 29.71 -13.47 -18.96
C ASN A 316 31.23 -13.40 -18.96
N ARG A 317 31.88 -14.30 -19.67
CA ARG A 317 33.34 -14.31 -19.72
C ARG A 317 33.94 -13.06 -20.37
N ALA A 318 33.29 -12.53 -21.40
CA ALA A 318 33.80 -11.34 -22.06
C ALA A 318 33.72 -10.15 -21.14
N LEU A 319 32.64 -10.07 -20.36
CA LEU A 319 32.48 -8.98 -19.43
C LEU A 319 33.55 -9.05 -18.33
N ILE A 320 33.67 -10.24 -17.73
CA ILE A 320 34.64 -10.49 -16.67
C ILE A 320 36.09 -10.27 -17.10
N GLU A 321 36.46 -10.76 -18.29
CA GLU A 321 37.83 -10.59 -18.79
C GLU A 321 38.06 -9.20 -19.41
N ASP A 322 37.18 -8.25 -19.10
CA ASP A 322 37.29 -6.89 -19.58
C ASP A 322 37.34 -6.75 -21.11
N ARG A 323 36.64 -7.63 -21.83
CA ARG A 323 36.66 -7.58 -23.29
C ARG A 323 35.55 -6.75 -23.93
N ALA A 324 34.62 -6.28 -23.11
CA ALA A 324 33.52 -5.47 -23.60
C ALA A 324 32.70 -4.98 -22.43
N ASP A 325 31.92 -3.93 -22.65
CA ASP A 325 31.05 -3.36 -21.61
C ASP A 325 29.62 -3.83 -21.88
N LEU A 326 29.34 -4.15 -23.14
CA LEU A 326 28.00 -4.61 -23.49
C LEU A 326 28.16 -5.72 -24.53
N VAL A 327 27.30 -6.72 -24.46
CA VAL A 327 27.36 -7.83 -25.42
C VAL A 327 26.03 -7.92 -26.17
N ALA A 328 26.10 -7.79 -27.50
CA ALA A 328 24.89 -7.84 -28.31
C ALA A 328 24.61 -9.25 -28.81
N TYR A 329 23.34 -9.61 -28.80
CA TYR A 329 22.90 -10.93 -29.24
C TYR A 329 21.95 -10.80 -30.42
N GLY A 330 22.16 -11.64 -31.42
CA GLY A 330 21.30 -11.59 -32.59
C GLY A 330 20.34 -12.76 -32.65
N ARG A 331 20.80 -13.85 -33.24
CA ARG A 331 20.00 -15.05 -33.42
C ARG A 331 19.23 -15.51 -32.19
N LEU A 332 19.90 -15.57 -31.05
CA LEU A 332 19.23 -15.98 -29.82
C LEU A 332 18.14 -15.00 -29.39
N PHE A 333 18.28 -13.72 -29.71
CA PHE A 333 17.28 -12.73 -29.32
C PHE A 333 16.09 -12.85 -30.26
N ILE A 334 16.32 -13.43 -31.43
CA ILE A 334 15.28 -13.65 -32.41
C ILE A 334 14.30 -14.68 -31.85
N SER A 335 14.83 -15.79 -31.36
CA SER A 335 14.01 -16.87 -30.82
C SER A 335 13.63 -16.77 -29.35
N ASN A 336 14.28 -15.89 -28.60
CA ASN A 336 13.94 -15.71 -27.20
C ASN A 336 13.58 -14.25 -26.90
N PRO A 337 12.27 -13.91 -26.90
CA PRO A 337 11.81 -12.54 -26.64
C PRO A 337 12.36 -12.04 -25.31
N ASP A 338 12.46 -12.95 -24.36
CA ASP A 338 12.97 -12.64 -23.04
C ASP A 338 14.37 -13.21 -22.80
N LEU A 339 15.31 -12.87 -23.68
CA LEU A 339 16.68 -13.35 -23.55
C LEU A 339 17.34 -12.92 -22.24
N PRO A 340 17.19 -11.64 -21.85
CA PRO A 340 17.80 -11.21 -20.60
C PRO A 340 17.34 -12.07 -19.42
N LYS A 341 16.03 -12.22 -19.29
CA LYS A 341 15.44 -12.99 -18.21
C LYS A 341 15.97 -14.43 -18.20
N ARG A 342 16.05 -15.03 -19.37
CA ARG A 342 16.53 -16.40 -19.48
C ARG A 342 17.98 -16.55 -19.04
N PHE A 343 18.81 -15.55 -19.35
CA PHE A 343 20.22 -15.58 -18.96
C PHE A 343 20.29 -15.38 -17.46
N GLU A 344 19.43 -14.48 -16.95
CA GLU A 344 19.36 -14.16 -15.54
C GLU A 344 18.87 -15.31 -14.66
N LEU A 345 18.32 -16.34 -15.28
CA LEU A 345 17.83 -17.49 -14.52
C LEU A 345 18.53 -18.72 -15.07
N ASN A 346 19.36 -18.51 -16.08
CA ASN A 346 20.07 -19.59 -16.73
C ASN A 346 19.06 -20.68 -17.06
N ALA A 347 17.98 -20.25 -17.71
CA ALA A 347 16.90 -21.15 -18.14
C ALA A 347 17.18 -21.59 -19.55
N PRO A 348 16.52 -22.67 -20.00
CA PRO A 348 16.71 -23.16 -21.36
C PRO A 348 16.37 -22.08 -22.37
N LEU A 349 16.88 -22.22 -23.59
CA LEU A 349 16.61 -21.23 -24.63
C LEU A 349 15.88 -21.88 -25.82
N ASN A 350 14.94 -21.15 -26.41
CA ASN A 350 14.21 -21.64 -27.58
C ASN A 350 15.23 -21.66 -28.71
N LYS A 351 15.16 -22.66 -29.58
CA LYS A 351 16.07 -22.73 -30.72
C LYS A 351 15.55 -21.73 -31.75
N TYR A 352 16.42 -21.20 -32.60
CA TYR A 352 15.98 -20.26 -33.60
C TYR A 352 15.91 -20.94 -34.96
N ASN A 353 14.96 -20.50 -35.77
CA ASN A 353 14.76 -21.06 -37.09
C ASN A 353 15.21 -20.11 -38.19
N ARG A 354 16.42 -20.34 -38.72
CA ARG A 354 16.94 -19.47 -39.76
C ARG A 354 16.09 -19.40 -41.02
N ASP A 355 15.16 -20.33 -41.19
CA ASP A 355 14.30 -20.35 -42.36
C ASP A 355 13.31 -19.20 -42.37
N THR A 356 13.02 -18.65 -41.21
CA THR A 356 12.09 -17.54 -41.14
C THR A 356 12.75 -16.24 -40.71
N PHE A 357 14.08 -16.17 -40.83
CA PHE A 357 14.79 -14.96 -40.43
C PHE A 357 14.38 -13.81 -41.34
N TYR A 358 14.43 -14.09 -42.64
CA TYR A 358 14.16 -13.12 -43.69
C TYR A 358 12.87 -13.35 -44.47
N THR A 359 11.99 -14.22 -43.97
CA THR A 359 10.73 -14.47 -44.65
C THR A 359 9.81 -13.30 -44.34
N SER A 360 8.74 -13.11 -45.11
CA SER A 360 7.89 -11.93 -44.91
C SER A 360 6.63 -11.98 -44.08
N ASP A 361 6.35 -13.10 -43.41
CA ASP A 361 5.14 -13.16 -42.61
C ASP A 361 5.22 -12.24 -41.38
N PRO A 362 4.12 -11.53 -41.06
CA PRO A 362 3.98 -10.60 -39.93
C PRO A 362 4.09 -11.25 -38.55
N ILE A 363 3.86 -12.56 -38.50
CA ILE A 363 3.90 -13.30 -37.23
C ILE A 363 4.92 -14.43 -37.21
N VAL A 364 4.72 -15.39 -38.11
CA VAL A 364 5.56 -16.58 -38.17
C VAL A 364 7.06 -16.35 -38.26
N GLY A 365 7.75 -16.71 -37.18
CA GLY A 365 9.20 -16.58 -37.10
C GLY A 365 9.63 -15.19 -36.68
N TYR A 366 8.66 -14.38 -36.29
CA TYR A 366 8.93 -13.00 -35.90
C TYR A 366 8.46 -12.68 -34.49
N THR A 367 7.23 -13.06 -34.18
CA THR A 367 6.67 -12.80 -32.87
C THR A 367 6.06 -14.06 -32.24
N ASP A 368 6.14 -15.19 -32.91
CA ASP A 368 5.55 -16.39 -32.33
C ASP A 368 6.49 -17.20 -31.42
N TYR A 369 7.67 -16.67 -31.14
CA TYR A 369 8.59 -17.35 -30.23
C TYR A 369 8.06 -17.09 -28.82
N PRO A 370 7.88 -18.16 -28.03
CA PRO A 370 7.38 -18.12 -26.65
C PRO A 370 8.26 -17.57 -25.54
N PHE A 371 7.59 -17.06 -24.51
CA PHE A 371 8.26 -16.55 -23.33
C PHE A 371 8.36 -17.77 -22.40
N LEU A 372 9.18 -17.68 -21.35
CA LEU A 372 9.30 -18.78 -20.41
C LEU A 372 7.92 -19.16 -19.88
N GLN B 10 -2.17 18.76 12.59
CA GLN B 10 -2.95 17.98 13.60
C GLN B 10 -3.14 18.78 14.90
N VAL B 11 -4.04 18.28 15.75
CA VAL B 11 -4.37 18.91 17.02
C VAL B 11 -3.50 18.33 18.15
N ASP B 12 -3.31 19.11 19.21
CA ASP B 12 -2.49 18.71 20.35
C ASP B 12 -3.07 17.53 21.10
N LYS B 13 -2.23 16.54 21.41
CA LYS B 13 -2.68 15.38 22.15
C LYS B 13 -3.23 15.78 23.51
N ILE B 14 -4.17 15.00 24.02
CA ILE B 14 -4.76 15.33 25.31
C ILE B 14 -4.77 14.14 26.26
N PRO B 15 -4.77 14.43 27.56
CA PRO B 15 -4.78 13.42 28.63
C PRO B 15 -5.94 12.42 28.45
N LEU B 16 -7.11 12.93 28.05
CA LEU B 16 -8.30 12.09 27.84
C LEU B 16 -8.07 10.93 26.88
N MET B 17 -7.13 11.10 25.94
CA MET B 17 -6.82 10.07 24.93
C MET B 17 -5.63 9.19 25.30
N SER B 18 -5.19 9.29 26.54
CA SER B 18 -4.05 8.53 27.00
C SER B 18 -4.38 7.10 27.41
N PRO B 19 -3.53 6.13 27.01
CA PRO B 19 -3.72 4.73 27.34
C PRO B 19 -3.76 4.58 28.86
N CYS B 20 -4.49 3.57 29.35
CA CYS B 20 -4.57 3.37 30.78
C CYS B 20 -4.70 1.91 31.18
N LYS B 21 -3.89 1.50 32.14
CA LYS B 21 -3.92 0.13 32.62
C LYS B 21 -4.95 0.09 33.74
N MET B 22 -5.92 -0.82 33.61
CA MET B 22 -6.95 -0.97 34.63
C MET B 22 -7.17 -2.44 34.98
N GLY B 23 -6.49 -2.89 36.03
CA GLY B 23 -6.61 -4.27 36.46
C GLY B 23 -5.92 -5.15 35.43
N LYS B 24 -6.68 -6.07 34.86
CA LYS B 24 -6.11 -6.96 33.86
C LYS B 24 -6.28 -6.35 32.47
N PHE B 25 -6.91 -5.19 32.39
CA PHE B 25 -7.13 -4.59 31.07
C PHE B 25 -6.21 -3.46 30.67
N GLU B 26 -6.03 -3.36 29.37
CA GLU B 26 -5.21 -2.33 28.78
C GLU B 26 -6.13 -1.39 27.97
N LEU B 27 -6.60 -0.31 28.59
CA LEU B 27 -7.47 0.63 27.89
C LEU B 27 -6.61 1.51 26.99
N CYS B 28 -7.18 1.94 25.86
CA CYS B 28 -6.45 2.79 24.91
C CYS B 28 -6.67 4.28 25.11
N HIS B 29 -7.63 4.62 25.96
CA HIS B 29 -7.91 6.02 26.24
C HIS B 29 -8.74 6.07 27.51
N ARG B 30 -9.08 7.28 27.94
CA ARG B 30 -9.80 7.42 29.19
C ARG B 30 -11.22 7.96 29.13
N VAL B 31 -11.80 7.99 27.93
CA VAL B 31 -13.18 8.46 27.80
C VAL B 31 -14.05 7.23 28.00
N VAL B 32 -14.77 7.21 29.11
CA VAL B 32 -15.62 6.09 29.47
C VAL B 32 -17.10 6.35 29.25
N LEU B 33 -17.81 5.32 28.79
CA LEU B 33 -19.24 5.41 28.57
C LEU B 33 -19.92 5.12 29.90
N ALA B 34 -20.61 6.12 30.42
CA ALA B 34 -21.29 5.96 31.68
C ALA B 34 -22.49 5.02 31.48
N PRO B 35 -22.98 4.39 32.55
CA PRO B 35 -24.13 3.49 32.50
C PRO B 35 -25.36 4.33 32.16
N LEU B 36 -26.19 3.89 31.21
CA LEU B 36 -27.36 4.67 30.86
C LEU B 36 -28.67 3.92 30.62
N THR B 37 -29.57 3.96 31.60
CA THR B 37 -30.87 3.34 31.46
C THR B 37 -31.56 4.09 30.32
N ARG B 38 -32.02 3.34 29.32
CA ARG B 38 -32.67 3.93 28.15
C ARG B 38 -34.10 3.40 27.95
N GLN B 39 -34.46 2.39 28.73
CA GLN B 39 -35.79 1.81 28.69
C GLN B 39 -36.30 1.32 27.32
N ARG B 40 -35.40 0.70 26.56
CA ARG B 40 -35.77 0.19 25.26
C ARG B 40 -35.58 -1.34 25.23
N SER B 41 -35.65 -1.96 26.41
CA SER B 41 -35.50 -3.40 26.57
C SER B 41 -36.86 -4.05 26.85
N TYR B 42 -37.69 -4.07 25.81
CA TYR B 42 -39.04 -4.63 25.87
C TYR B 42 -39.09 -5.96 26.60
N GLY B 43 -39.98 -6.06 27.58
CA GLY B 43 -40.14 -7.28 28.33
C GLY B 43 -38.94 -7.60 29.20
N TYR B 44 -38.11 -6.59 29.48
CA TYR B 44 -36.92 -6.78 30.31
C TYR B 44 -35.90 -7.71 29.64
N ILE B 45 -35.89 -7.71 28.33
CA ILE B 45 -34.96 -8.54 27.57
C ILE B 45 -34.13 -7.64 26.67
N PRO B 46 -32.80 -7.84 26.64
CA PRO B 46 -31.94 -7.02 25.77
C PRO B 46 -32.47 -7.16 24.35
N GLN B 47 -32.41 -6.08 23.59
CA GLN B 47 -32.95 -6.09 22.24
C GLN B 47 -31.92 -5.89 21.14
N PRO B 48 -32.26 -6.30 19.91
CA PRO B 48 -31.39 -6.17 18.73
C PRO B 48 -30.86 -4.76 18.53
N HIS B 49 -31.70 -3.74 18.72
CA HIS B 49 -31.24 -2.38 18.51
C HIS B 49 -30.08 -1.97 19.43
N ALA B 50 -29.96 -2.64 20.58
CA ALA B 50 -28.87 -2.33 21.50
C ALA B 50 -27.55 -2.80 20.90
N ILE B 51 -27.60 -3.73 19.95
CA ILE B 51 -26.37 -4.19 19.33
C ILE B 51 -25.74 -3.02 18.58
N LEU B 52 -26.57 -2.25 17.87
CA LEU B 52 -26.07 -1.11 17.12
C LEU B 52 -25.68 0.02 18.06
N HIS B 53 -26.48 0.25 19.10
CA HIS B 53 -26.19 1.31 20.05
C HIS B 53 -24.80 1.23 20.71
N TYR B 54 -24.50 0.07 21.31
CA TYR B 54 -23.22 -0.11 21.96
C TYR B 54 -22.12 -0.24 20.93
N SER B 55 -22.48 -0.77 19.76
CA SER B 55 -21.49 -0.91 18.70
C SER B 55 -21.05 0.47 18.20
N GLN B 56 -21.99 1.40 18.05
CA GLN B 56 -21.65 2.74 17.57
C GLN B 56 -20.69 3.48 18.52
N ARG B 57 -20.74 3.12 19.79
CA ARG B 57 -19.93 3.77 20.80
C ARG B 57 -18.69 2.98 21.22
N SER B 58 -18.42 1.87 20.53
CA SER B 58 -17.25 1.06 20.89
C SER B 58 -15.96 1.53 20.21
N THR B 59 -14.87 1.47 20.95
CA THR B 59 -13.58 1.84 20.40
C THR B 59 -12.57 0.77 20.81
N ASN B 60 -11.48 0.69 20.09
CA ASN B 60 -10.46 -0.27 20.43
C ASN B 60 -9.85 0.15 21.75
N GLY B 61 -10.10 -0.65 22.79
CA GLY B 61 -9.56 -0.35 24.10
C GLY B 61 -10.31 0.68 24.93
N GLY B 62 -11.54 1.01 24.51
CA GLY B 62 -12.35 1.97 25.25
C GLY B 62 -13.22 1.25 26.26
N LEU B 63 -13.41 1.85 27.43
CA LEU B 63 -14.25 1.22 28.44
C LEU B 63 -15.71 1.58 28.25
N LEU B 64 -16.56 0.55 28.27
CA LEU B 64 -17.98 0.72 28.12
C LEU B 64 -18.70 0.08 29.28
N ILE B 65 -19.50 0.88 29.98
CA ILE B 65 -20.28 0.34 31.09
C ILE B 65 -21.73 0.35 30.63
N GLY B 66 -22.33 -0.84 30.59
CA GLY B 66 -23.70 -0.95 30.15
C GLY B 66 -24.70 -0.33 31.09
N GLU B 67 -25.91 -0.14 30.59
CA GLU B 67 -27.02 0.43 31.35
C GLU B 67 -27.33 -0.45 32.55
N ALA B 68 -27.89 0.15 33.60
CA ALA B 68 -28.26 -0.63 34.78
C ALA B 68 -29.02 -1.89 34.35
N THR B 69 -28.60 -3.05 34.85
CA THR B 69 -29.24 -4.32 34.49
C THR B 69 -29.76 -4.99 35.74
N VAL B 70 -31.06 -5.27 35.76
CA VAL B 70 -31.74 -5.87 36.91
C VAL B 70 -31.25 -7.28 37.26
N ILE B 71 -31.00 -7.53 38.54
CA ILE B 71 -30.50 -8.83 38.98
C ILE B 71 -31.57 -9.88 39.31
N SER B 72 -32.83 -9.48 39.39
CA SER B 72 -33.91 -10.41 39.70
C SER B 72 -35.27 -9.73 39.55
N GLU B 73 -36.34 -10.50 39.68
CA GLU B 73 -37.68 -9.94 39.53
C GLU B 73 -38.01 -8.81 40.49
N THR B 74 -37.62 -8.95 41.75
CA THR B 74 -37.92 -7.92 42.74
C THR B 74 -37.13 -6.64 42.49
N GLY B 75 -36.17 -6.67 41.57
CA GLY B 75 -35.36 -5.49 41.34
C GLY B 75 -35.84 -4.54 40.27
N ILE B 76 -37.09 -4.69 39.85
CA ILE B 76 -37.65 -3.85 38.80
C ILE B 76 -38.47 -2.69 39.32
N GLY B 77 -38.18 -1.51 38.79
CA GLY B 77 -38.93 -0.32 39.21
C GLY B 77 -39.17 0.56 38.00
N TYR B 78 -38.87 0.03 36.83
CA TYR B 78 -39.02 0.77 35.59
C TYR B 78 -39.41 -0.14 34.43
N LYS B 79 -40.08 0.44 33.46
CA LYS B 79 -40.50 -0.29 32.26
C LYS B 79 -39.34 -0.49 31.32
N ASP B 80 -39.35 -1.63 30.64
CA ASP B 80 -38.37 -1.97 29.62
C ASP B 80 -36.88 -1.79 29.90
N VAL B 81 -36.46 -2.14 31.11
CA VAL B 81 -35.04 -2.08 31.46
C VAL B 81 -34.58 -3.53 31.37
N PRO B 82 -33.34 -3.75 30.94
CA PRO B 82 -32.82 -5.11 30.82
C PRO B 82 -32.50 -5.84 32.11
N GLY B 83 -32.81 -7.14 32.15
CA GLY B 83 -32.51 -7.94 33.31
C GLY B 83 -31.45 -8.95 32.92
N ILE B 84 -30.93 -9.71 33.86
CA ILE B 84 -29.93 -10.72 33.51
C ILE B 84 -30.01 -11.90 34.47
N TRP B 85 -31.24 -12.31 34.80
CA TRP B 85 -31.42 -13.45 35.70
C TRP B 85 -31.99 -14.70 34.97
N THR B 86 -32.31 -14.57 33.68
CA THR B 86 -32.83 -15.72 32.92
C THR B 86 -31.88 -16.12 31.81
N LYS B 87 -32.02 -17.34 31.29
CA LYS B 87 -31.13 -17.78 30.22
C LYS B 87 -31.44 -16.97 28.98
N GLU B 88 -32.72 -16.63 28.82
CA GLU B 88 -33.18 -15.85 27.69
C GLU B 88 -32.45 -14.51 27.69
N GLN B 89 -32.40 -13.86 28.86
CA GLN B 89 -31.72 -12.58 28.96
C GLN B 89 -30.23 -12.73 28.66
N VAL B 90 -29.61 -13.76 29.22
CA VAL B 90 -28.20 -14.02 29.01
C VAL B 90 -27.88 -14.20 27.52
N GLU B 91 -28.73 -14.92 26.80
CA GLU B 91 -28.50 -15.12 25.38
C GLU B 91 -28.74 -13.82 24.59
N ALA B 92 -29.68 -12.98 25.05
CA ALA B 92 -29.93 -11.73 24.33
C ALA B 92 -28.76 -10.76 24.50
N TRP B 93 -28.04 -10.88 25.62
CA TRP B 93 -26.90 -10.00 25.83
C TRP B 93 -25.72 -10.33 24.89
N LYS B 94 -25.33 -11.61 24.82
CA LYS B 94 -24.21 -12.07 23.98
C LYS B 94 -23.96 -11.32 22.67
N PRO B 95 -24.99 -11.21 21.81
CA PRO B 95 -24.85 -10.50 20.54
C PRO B 95 -24.41 -9.04 20.71
N ILE B 96 -24.88 -8.43 21.79
CA ILE B 96 -24.54 -7.04 22.10
C ILE B 96 -23.09 -7.04 22.55
N VAL B 97 -22.79 -7.95 23.47
CA VAL B 97 -21.43 -8.09 23.97
C VAL B 97 -20.48 -8.41 22.81
N ASP B 98 -20.93 -9.25 21.87
CA ASP B 98 -20.06 -9.60 20.74
C ASP B 98 -19.76 -8.41 19.82
N ALA B 99 -20.73 -7.52 19.63
CA ALA B 99 -20.53 -6.35 18.76
C ALA B 99 -19.50 -5.40 19.36
N VAL B 100 -19.55 -5.22 20.68
CA VAL B 100 -18.60 -4.34 21.34
C VAL B 100 -17.21 -4.96 21.22
N HIS B 101 -17.10 -6.24 21.55
CA HIS B 101 -15.81 -6.94 21.44
C HIS B 101 -15.27 -6.89 20.01
N ALA B 102 -16.18 -6.85 19.05
CA ALA B 102 -15.79 -6.81 17.65
C ALA B 102 -15.00 -5.55 17.31
N LYS B 103 -15.13 -4.50 18.11
CA LYS B 103 -14.39 -3.27 17.83
C LYS B 103 -13.24 -3.00 18.79
N GLY B 104 -13.05 -3.94 19.72
CA GLY B 104 -11.96 -3.84 20.67
C GLY B 104 -12.32 -3.28 22.02
N GLY B 105 -13.61 -3.09 22.26
CA GLY B 105 -14.05 -2.55 23.53
C GLY B 105 -14.07 -3.50 24.70
N ILE B 106 -13.94 -2.92 25.89
CA ILE B 106 -13.99 -3.65 27.15
C ILE B 106 -15.40 -3.27 27.62
N PHE B 107 -16.19 -4.28 27.99
CA PHE B 107 -17.59 -4.08 28.35
C PHE B 107 -17.88 -4.59 29.75
N PHE B 108 -18.35 -3.69 30.62
CA PHE B 108 -18.70 -4.08 31.97
C PHE B 108 -20.20 -3.96 32.03
N CYS B 109 -20.83 -4.86 32.78
CA CYS B 109 -22.28 -4.88 32.92
C CYS B 109 -22.63 -4.33 34.29
N GLN B 110 -23.49 -3.31 34.35
CA GLN B 110 -23.86 -2.77 35.65
C GLN B 110 -24.99 -3.60 36.23
N ILE B 111 -24.74 -4.25 37.37
CA ILE B 111 -25.77 -5.06 37.98
C ILE B 111 -26.51 -4.25 39.02
N TRP B 112 -27.83 -4.29 38.94
CA TRP B 112 -28.69 -3.44 39.73
C TRP B 112 -29.95 -4.01 40.38
N HIS B 113 -30.37 -3.36 41.45
CA HIS B 113 -31.59 -3.69 42.16
C HIS B 113 -32.13 -2.37 42.73
N VAL B 114 -33.35 -2.01 42.36
CA VAL B 114 -33.95 -0.75 42.77
C VAL B 114 -34.37 -0.62 44.23
N GLY B 115 -34.56 -1.73 44.91
CA GLY B 115 -34.99 -1.65 46.30
C GLY B 115 -36.37 -1.00 46.36
N ARG B 116 -36.57 -0.09 47.33
CA ARG B 116 -37.86 0.58 47.47
C ARG B 116 -38.30 1.48 46.31
N VAL B 117 -37.41 1.77 45.37
CA VAL B 117 -37.80 2.62 44.25
C VAL B 117 -38.54 1.76 43.24
N SER B 118 -39.74 1.35 43.62
CA SER B 118 -40.55 0.47 42.79
C SER B 118 -41.99 0.50 43.25
N ASN B 119 -42.83 -0.24 42.56
CA ASN B 119 -44.24 -0.31 42.89
C ASN B 119 -44.64 -1.79 42.88
N LYS B 120 -45.52 -2.17 43.79
CA LYS B 120 -45.95 -3.55 43.83
C LYS B 120 -46.44 -3.97 42.43
N ASP B 121 -46.77 -3.02 41.56
CA ASP B 121 -47.24 -3.36 40.21
C ASP B 121 -46.10 -3.86 39.30
N PHE B 122 -44.86 -3.68 39.75
CA PHE B 122 -43.69 -4.15 39.00
C PHE B 122 -43.18 -5.46 39.58
N GLN B 123 -43.62 -5.77 40.80
CA GLN B 123 -43.20 -6.95 41.54
C GLN B 123 -43.92 -8.26 41.21
N PRO B 124 -43.28 -9.41 41.52
CA PRO B 124 -43.87 -10.73 41.27
C PRO B 124 -45.08 -10.91 42.18
N ASN B 125 -46.22 -11.26 41.60
CA ASN B 125 -47.44 -11.48 42.37
C ASN B 125 -47.90 -10.25 43.14
N GLY B 126 -47.57 -9.06 42.65
CA GLY B 126 -47.97 -7.85 43.32
C GLY B 126 -47.41 -7.71 44.73
N GLU B 127 -46.27 -8.33 44.99
CA GLU B 127 -45.64 -8.26 46.30
C GLU B 127 -45.02 -6.88 46.57
N ASP B 128 -44.81 -6.55 47.84
CA ASP B 128 -44.19 -5.27 48.18
C ASP B 128 -42.70 -5.26 47.83
N PRO B 129 -42.19 -4.10 47.35
CA PRO B 129 -40.78 -3.98 47.00
C PRO B 129 -39.98 -4.25 48.29
N ILE B 130 -38.70 -4.59 48.16
CA ILE B 130 -37.88 -4.86 49.35
C ILE B 130 -36.89 -3.74 49.57
N SER B 131 -36.50 -3.55 50.83
CA SER B 131 -35.55 -2.51 51.18
C SER B 131 -34.96 -2.73 52.55
N CYS B 132 -34.13 -1.79 52.98
CA CYS B 132 -33.49 -1.85 54.28
C CYS B 132 -34.45 -1.32 55.35
N THR B 133 -35.44 -0.55 54.90
CA THR B 133 -36.43 0.03 55.80
C THR B 133 -37.86 -0.28 55.34
N ASP B 134 -38.85 0.11 56.13
CA ASP B 134 -40.24 -0.11 55.74
C ASP B 134 -40.90 1.22 55.40
N ARG B 135 -40.09 2.20 55.01
CA ARG B 135 -40.58 3.53 54.65
C ARG B 135 -40.54 3.78 53.15
N GLY B 136 -41.67 4.18 52.59
CA GLY B 136 -41.75 4.42 51.16
C GLY B 136 -41.36 5.81 50.68
N LEU B 137 -41.28 5.99 49.38
CA LEU B 137 -40.92 7.26 48.80
C LEU B 137 -42.16 8.08 48.44
N THR B 138 -42.02 9.39 48.34
CA THR B 138 -43.15 10.22 47.96
C THR B 138 -43.16 10.30 46.44
N PRO B 139 -44.31 10.60 45.84
CA PRO B 139 -44.44 10.69 44.38
C PRO B 139 -43.44 11.61 43.67
N GLN B 140 -43.06 11.20 42.47
CA GLN B 140 -42.10 11.95 41.66
C GLN B 140 -42.67 12.17 40.26
N ILE B 141 -42.27 13.25 39.62
CA ILE B 141 -42.72 13.56 38.28
C ILE B 141 -41.80 12.85 37.31
N MET B 142 -42.38 12.03 36.44
CA MET B 142 -41.61 11.28 35.45
C MET B 142 -41.02 12.16 34.37
N SER B 143 -40.09 11.59 33.61
CA SER B 143 -39.38 12.28 32.53
C SER B 143 -40.25 13.07 31.55
N ASN B 144 -41.50 12.66 31.34
CA ASN B 144 -42.35 13.39 30.42
C ASN B 144 -42.97 14.63 31.07
N GLY B 145 -42.68 14.82 32.36
CA GLY B 145 -43.22 15.98 33.06
C GLY B 145 -44.73 16.01 33.11
N ILE B 146 -45.36 14.90 32.76
CA ILE B 146 -46.81 14.82 32.77
C ILE B 146 -47.34 13.78 33.74
N ASP B 147 -46.79 12.58 33.68
CA ASP B 147 -47.22 11.51 34.55
C ASP B 147 -46.42 11.48 35.84
N ILE B 148 -47.06 11.01 36.90
CA ILE B 148 -46.45 10.94 38.20
C ILE B 148 -46.24 9.50 38.61
N ALA B 149 -45.01 9.17 39.04
CA ALA B 149 -44.69 7.82 39.47
C ALA B 149 -44.95 7.67 40.96
N HIS B 150 -45.76 6.67 41.33
CA HIS B 150 -46.07 6.40 42.72
C HIS B 150 -45.26 5.21 43.19
N PHE B 151 -44.97 5.15 44.49
CA PHE B 151 -44.16 4.09 45.06
C PHE B 151 -44.88 3.37 46.18
N THR B 152 -44.57 2.09 46.33
CA THR B 152 -45.18 1.28 47.36
C THR B 152 -44.30 1.17 48.57
N ARG B 153 -44.92 1.24 49.75
CA ARG B 153 -44.21 1.12 51.02
C ARG B 153 -43.44 -0.19 50.88
N PRO B 154 -42.11 -0.15 51.04
CA PRO B 154 -41.35 -1.37 50.90
C PRO B 154 -41.45 -2.27 52.11
N ARG B 155 -41.06 -3.52 51.92
CA ARG B 155 -41.03 -4.47 53.02
C ARG B 155 -39.60 -4.43 53.51
N ARG B 156 -39.42 -4.35 54.83
CA ARG B 156 -38.08 -4.33 55.41
C ARG B 156 -37.51 -5.76 55.40
N LEU B 157 -36.38 -5.95 54.73
CA LEU B 157 -35.75 -7.26 54.65
C LEU B 157 -35.31 -7.77 56.03
N THR B 158 -35.51 -9.05 56.31
CA THR B 158 -35.07 -9.58 57.61
C THR B 158 -33.56 -9.77 57.55
N THR B 159 -32.93 -9.91 58.71
CA THR B 159 -31.49 -10.08 58.83
C THR B 159 -30.95 -11.28 58.07
N ASP B 160 -31.67 -12.38 58.12
CA ASP B 160 -31.23 -13.59 57.46
C ASP B 160 -31.67 -13.68 56.00
N GLU B 161 -32.44 -12.69 55.56
CA GLU B 161 -32.90 -12.65 54.17
C GLU B 161 -31.85 -11.91 53.34
N ILE B 162 -31.21 -10.94 53.99
CA ILE B 162 -30.21 -10.12 53.33
C ILE B 162 -29.16 -10.91 52.55
N PRO B 163 -28.65 -12.02 53.12
CA PRO B 163 -27.63 -12.79 52.39
C PRO B 163 -28.17 -13.32 51.06
N GLN B 164 -29.45 -13.68 51.03
CA GLN B 164 -30.07 -14.20 49.82
C GLN B 164 -30.05 -13.15 48.70
N ILE B 165 -30.15 -11.88 49.08
CA ILE B 165 -30.12 -10.81 48.10
C ILE B 165 -28.69 -10.61 47.62
N VAL B 166 -27.75 -10.68 48.56
CA VAL B 166 -26.33 -10.57 48.26
C VAL B 166 -26.00 -11.65 47.23
N ASN B 167 -26.67 -12.78 47.35
CA ASN B 167 -26.45 -13.88 46.44
C ASN B 167 -26.95 -13.58 45.04
N GLU B 168 -28.03 -12.81 44.93
CA GLU B 168 -28.57 -12.48 43.61
C GLU B 168 -27.52 -11.70 42.81
N PHE B 169 -26.87 -10.74 43.48
CA PHE B 169 -25.82 -9.96 42.83
C PHE B 169 -24.72 -10.93 42.36
N ARG B 170 -24.34 -11.85 43.23
CA ARG B 170 -23.32 -12.84 42.92
C ARG B 170 -23.72 -13.63 41.67
N VAL B 171 -24.93 -14.16 41.67
CA VAL B 171 -25.42 -14.91 40.52
C VAL B 171 -25.53 -14.06 39.27
N ALA B 172 -25.92 -12.79 39.44
CA ALA B 172 -26.04 -11.89 38.28
C ALA B 172 -24.65 -11.61 37.69
N ALA B 173 -23.64 -11.54 38.56
CA ALA B 173 -22.27 -11.31 38.08
C ALA B 173 -21.83 -12.50 37.23
N ARG B 174 -22.10 -13.71 37.73
CA ARG B 174 -21.78 -14.95 37.03
C ARG B 174 -22.39 -14.95 35.64
N ASN B 175 -23.69 -14.70 35.56
CA ASN B 175 -24.39 -14.70 34.28
C ASN B 175 -23.81 -13.66 33.31
N ALA B 176 -23.35 -12.55 33.86
CA ALA B 176 -22.77 -11.52 33.00
C ALA B 176 -21.51 -12.08 32.36
N ILE B 177 -20.72 -12.81 33.15
CA ILE B 177 -19.49 -13.42 32.65
C ILE B 177 -19.89 -14.44 31.60
N GLU B 178 -20.98 -15.15 31.88
CA GLU B 178 -21.51 -16.16 30.98
C GLU B 178 -21.96 -15.52 29.65
N ALA B 179 -22.45 -14.30 29.72
CA ALA B 179 -22.90 -13.57 28.54
C ALA B 179 -21.70 -13.04 27.77
N GLY B 180 -20.52 -13.15 28.39
CA GLY B 180 -19.33 -12.69 27.72
C GLY B 180 -18.75 -11.36 28.18
N PHE B 181 -19.41 -10.71 29.14
CA PHE B 181 -18.92 -9.43 29.63
C PHE B 181 -17.48 -9.52 30.17
N ASP B 182 -16.72 -8.44 30.07
CA ASP B 182 -15.36 -8.43 30.59
C ASP B 182 -15.37 -8.30 32.11
N GLY B 183 -16.42 -7.69 32.65
CA GLY B 183 -16.55 -7.53 34.09
C GLY B 183 -17.91 -6.97 34.45
N VAL B 184 -18.12 -6.64 35.72
CA VAL B 184 -19.40 -6.06 36.12
C VAL B 184 -19.19 -4.89 37.06
N GLU B 185 -20.12 -3.94 37.05
CA GLU B 185 -20.07 -2.79 37.93
C GLU B 185 -21.24 -2.94 38.89
N ILE B 186 -20.96 -2.89 40.19
CA ILE B 186 -22.02 -3.00 41.17
C ILE B 186 -22.70 -1.62 41.29
N HIS B 187 -24.03 -1.57 41.19
CA HIS B 187 -24.70 -0.28 41.28
C HIS B 187 -24.94 0.11 42.72
N GLY B 188 -23.96 0.76 43.34
CA GLY B 188 -24.14 1.16 44.72
C GLY B 188 -24.48 2.65 44.83
N ALA B 189 -25.19 3.18 43.85
CA ALA B 189 -25.52 4.60 43.87
C ALA B 189 -26.97 4.99 43.64
N HIS B 190 -27.17 6.31 43.63
CA HIS B 190 -28.45 6.92 43.32
C HIS B 190 -29.69 6.49 44.09
N GLY B 191 -29.49 6.10 45.33
CA GLY B 191 -30.63 5.73 46.15
C GLY B 191 -31.25 4.39 45.89
N TYR B 192 -30.61 3.55 45.08
CA TYR B 192 -31.18 2.23 44.84
C TYR B 192 -30.87 1.30 46.02
N LEU B 193 -31.14 0.00 45.90
CA LEU B 193 -30.99 -0.88 47.05
C LEU B 193 -29.71 -0.75 47.88
N ILE B 194 -28.55 -0.86 47.25
CA ILE B 194 -27.32 -0.77 48.02
C ILE B 194 -27.14 0.60 48.66
N ASP B 195 -27.45 1.66 47.92
CA ASP B 195 -27.33 3.00 48.47
C ASP B 195 -28.31 3.20 49.62
N GLN B 196 -29.44 2.48 49.56
CA GLN B 196 -30.45 2.57 50.61
C GLN B 196 -29.90 2.10 51.96
N PHE B 197 -29.01 1.11 51.93
CA PHE B 197 -28.43 0.60 53.16
C PHE B 197 -27.31 1.53 53.68
N MET B 198 -26.55 2.14 52.79
CA MET B 198 -25.45 3.04 53.17
C MET B 198 -25.92 4.39 53.70
N LYS B 199 -26.97 4.93 53.10
CA LYS B 199 -27.47 6.24 53.47
C LYS B 199 -28.22 6.25 54.81
N ASP B 200 -27.78 7.09 55.76
CA ASP B 200 -28.45 7.15 57.06
C ASP B 200 -29.81 7.83 57.04
N GLN B 201 -30.19 8.44 55.93
CA GLN B 201 -31.52 9.04 55.89
C GLN B 201 -32.49 7.94 55.46
N VAL B 202 -31.97 6.78 55.13
CA VAL B 202 -32.83 5.68 54.70
C VAL B 202 -32.75 4.48 55.62
N ASN B 203 -31.52 4.10 55.96
CA ASN B 203 -31.27 2.94 56.81
C ASN B 203 -31.47 3.24 58.29
N ASP B 204 -32.61 2.81 58.82
CA ASP B 204 -32.93 3.00 60.23
C ASP B 204 -33.00 1.63 60.89
N ARG B 205 -32.23 0.67 60.37
CA ARG B 205 -32.21 -0.68 60.93
C ARG B 205 -31.55 -0.69 62.30
N SER B 206 -31.90 -1.69 63.11
CA SER B 206 -31.32 -1.82 64.44
C SER B 206 -30.64 -3.17 64.64
N ASP B 207 -30.29 -3.83 63.53
CA ASP B 207 -29.58 -5.09 63.60
C ASP B 207 -28.14 -4.80 63.16
N LYS B 208 -27.40 -5.81 62.73
CA LYS B 208 -26.01 -5.61 62.31
C LYS B 208 -25.82 -4.89 60.97
N TYR B 209 -26.91 -4.61 60.27
CA TYR B 209 -26.83 -3.93 58.97
C TYR B 209 -27.23 -2.45 59.07
N GLY B 210 -27.14 -1.89 60.28
CA GLY B 210 -27.47 -0.49 60.46
C GLY B 210 -27.01 0.08 61.80
N GLY B 211 -27.26 1.36 62.03
CA GLY B 211 -26.89 2.00 63.29
C GLY B 211 -25.48 2.55 63.40
N SER B 212 -24.65 2.31 62.38
CA SER B 212 -23.28 2.79 62.40
C SER B 212 -22.75 2.77 60.98
N LEU B 213 -21.73 3.59 60.73
CA LEU B 213 -21.14 3.67 59.40
C LEU B 213 -20.74 2.29 58.95
N GLU B 214 -20.05 1.57 59.82
CA GLU B 214 -19.61 0.23 59.49
C GLU B 214 -20.78 -0.71 59.16
N ASN B 215 -21.84 -0.66 59.96
CA ASN B 215 -23.00 -1.52 59.71
C ASN B 215 -23.75 -1.14 58.44
N ARG B 216 -23.87 0.17 58.19
CA ARG B 216 -24.57 0.64 57.02
C ARG B 216 -23.86 0.29 55.73
N CYS B 217 -22.59 -0.07 55.83
CA CYS B 217 -21.82 -0.40 54.64
C CYS B 217 -21.61 -1.90 54.45
N ARG B 218 -21.99 -2.66 55.46
CA ARG B 218 -21.85 -4.12 55.46
C ARG B 218 -22.42 -4.79 54.20
N PHE B 219 -23.66 -4.45 53.86
CA PHE B 219 -24.36 -5.00 52.71
C PHE B 219 -23.57 -4.81 51.43
N ALA B 220 -23.11 -3.60 51.18
CA ALA B 220 -22.34 -3.31 49.98
C ALA B 220 -21.06 -4.14 49.95
N LEU B 221 -20.35 -4.18 51.08
CA LEU B 221 -19.10 -4.95 51.12
C LEU B 221 -19.37 -6.44 50.98
N GLU B 222 -20.49 -6.91 51.53
CA GLU B 222 -20.85 -8.32 51.40
C GLU B 222 -21.10 -8.66 49.94
N ILE B 223 -21.52 -7.67 49.15
CA ILE B 223 -21.78 -7.88 47.72
C ILE B 223 -20.45 -7.85 46.94
N VAL B 224 -19.56 -6.94 47.32
CA VAL B 224 -18.26 -6.83 46.65
C VAL B 224 -17.51 -8.14 46.84
N GLU B 225 -17.50 -8.62 48.08
CA GLU B 225 -16.83 -9.86 48.45
C GLU B 225 -17.41 -11.02 47.65
N ALA B 226 -18.73 -11.16 47.66
CA ALA B 226 -19.39 -12.24 46.95
C ALA B 226 -19.20 -12.18 45.44
N VAL B 227 -19.21 -10.97 44.87
CA VAL B 227 -19.03 -10.81 43.42
C VAL B 227 -17.57 -11.03 43.02
N ALA B 228 -16.65 -10.49 43.83
CA ALA B 228 -15.22 -10.63 43.58
C ALA B 228 -14.78 -12.11 43.70
N ASN B 229 -15.28 -12.81 44.72
CA ASN B 229 -14.93 -14.21 44.91
C ASN B 229 -15.50 -15.03 43.76
N GLU B 230 -16.65 -14.61 43.27
CA GLU B 230 -17.31 -15.32 42.19
C GLU B 230 -16.63 -15.21 40.84
N ILE B 231 -16.21 -14.00 40.48
CA ILE B 231 -15.60 -13.81 39.17
C ILE B 231 -14.21 -13.18 39.19
N GLY B 232 -13.67 -12.93 40.37
CA GLY B 232 -12.36 -12.32 40.44
C GLY B 232 -12.41 -10.81 40.59
N SER B 233 -11.71 -10.30 41.59
CA SER B 233 -11.68 -8.88 41.87
C SER B 233 -11.22 -8.03 40.68
N ASP B 234 -10.37 -8.58 39.83
CA ASP B 234 -9.88 -7.83 38.68
C ASP B 234 -10.93 -7.64 37.58
N ARG B 235 -12.15 -8.11 37.82
CA ARG B 235 -13.24 -7.97 36.84
C ARG B 235 -14.43 -7.32 37.53
N VAL B 236 -14.16 -6.65 38.65
CA VAL B 236 -15.20 -6.01 39.43
C VAL B 236 -14.99 -4.52 39.70
N GLY B 237 -16.01 -3.74 39.40
CA GLY B 237 -15.97 -2.33 39.67
C GLY B 237 -17.17 -2.10 40.55
N ILE B 238 -17.30 -0.90 41.11
CA ILE B 238 -18.45 -0.57 41.93
C ILE B 238 -18.67 0.93 41.78
N ARG B 239 -19.93 1.35 41.70
CA ARG B 239 -20.25 2.75 41.56
C ARG B 239 -20.98 3.26 42.78
N ILE B 240 -20.57 4.43 43.25
CA ILE B 240 -21.20 5.03 44.43
C ILE B 240 -21.43 6.53 44.25
N SER B 241 -22.38 7.06 45.00
CA SER B 241 -22.73 8.47 44.95
C SER B 241 -23.05 8.94 46.37
N PRO B 242 -22.02 9.07 47.23
CA PRO B 242 -22.20 9.50 48.62
C PRO B 242 -22.84 10.89 48.82
N PHE B 243 -22.64 11.79 47.86
CA PHE B 243 -23.20 13.14 48.00
C PHE B 243 -24.58 13.29 47.34
N ALA B 244 -25.01 12.27 46.61
CA ALA B 244 -26.31 12.32 45.95
C ALA B 244 -27.48 12.14 46.90
N HIS B 245 -28.60 12.77 46.56
CA HIS B 245 -29.81 12.70 47.38
C HIS B 245 -30.96 12.12 46.58
N TYR B 246 -30.68 11.67 45.37
CA TYR B 246 -31.71 11.06 44.54
C TYR B 246 -32.49 10.05 45.36
N ASN B 247 -33.79 10.00 45.14
CA ASN B 247 -34.66 9.06 45.81
C ASN B 247 -34.65 9.14 47.33
N GLU B 248 -34.47 10.35 47.84
CA GLU B 248 -34.48 10.61 49.27
C GLU B 248 -33.46 9.72 49.98
N ALA B 249 -32.28 9.60 49.37
CA ALA B 249 -31.21 8.77 49.91
C ALA B 249 -29.95 9.60 50.25
N GLY B 250 -30.11 10.57 51.14
CA GLY B 250 -28.97 11.36 51.52
C GLY B 250 -28.39 10.84 52.81
N ASP B 251 -27.24 11.40 53.20
CA ASP B 251 -26.59 11.01 54.44
C ASP B 251 -26.15 12.25 55.20
N THR B 252 -26.18 12.20 56.53
CA THR B 252 -25.78 13.36 57.32
C THR B 252 -24.28 13.61 57.27
N ASN B 253 -23.48 12.58 56.95
CA ASN B 253 -22.03 12.77 56.83
C ASN B 253 -21.48 12.10 55.57
N PRO B 254 -21.71 12.71 54.40
CA PRO B 254 -21.28 12.22 53.08
C PRO B 254 -19.80 11.94 52.90
N THR B 255 -18.97 12.92 53.23
CA THR B 255 -17.54 12.77 53.03
C THR B 255 -17.01 11.61 53.85
N ALA B 256 -17.54 11.44 55.05
CA ALA B 256 -17.12 10.35 55.92
C ALA B 256 -17.58 9.03 55.31
N LEU B 257 -18.82 8.99 54.83
CA LEU B 257 -19.33 7.79 54.21
C LEU B 257 -18.46 7.39 53.02
N GLY B 258 -18.12 8.36 52.19
CA GLY B 258 -17.29 8.11 51.02
C GLY B 258 -15.87 7.70 51.33
N LEU B 259 -15.30 8.29 52.38
CA LEU B 259 -13.94 7.94 52.76
C LEU B 259 -13.91 6.48 53.25
N TYR B 260 -14.84 6.15 54.13
CA TYR B 260 -14.91 4.80 54.68
C TYR B 260 -15.06 3.76 53.57
N MET B 261 -15.90 4.03 52.58
CA MET B 261 -16.08 3.06 51.50
C MET B 261 -14.83 2.87 50.67
N VAL B 262 -14.17 3.96 50.28
CA VAL B 262 -12.98 3.78 49.48
C VAL B 262 -11.85 3.09 50.25
N GLU B 263 -11.70 3.38 51.54
CA GLU B 263 -10.65 2.74 52.32
C GLU B 263 -10.97 1.26 52.51
N SER B 264 -12.24 0.95 52.74
CA SER B 264 -12.68 -0.42 52.90
C SER B 264 -12.57 -1.21 51.61
N LEU B 265 -12.70 -0.50 50.48
CA LEU B 265 -12.62 -1.14 49.16
C LEU B 265 -11.20 -1.47 48.72
N ASN B 266 -10.20 -0.87 49.37
CA ASN B 266 -8.81 -1.13 49.00
C ASN B 266 -8.43 -2.60 49.14
N LYS B 267 -8.77 -3.19 50.28
CA LYS B 267 -8.43 -4.59 50.53
C LYS B 267 -8.97 -5.58 49.48
N TYR B 268 -9.94 -5.16 48.68
CA TYR B 268 -10.51 -6.08 47.67
C TYR B 268 -9.81 -6.03 46.31
N ASP B 269 -8.99 -5.01 46.09
CA ASP B 269 -8.24 -4.88 44.84
C ASP B 269 -9.13 -5.06 43.59
N LEU B 270 -10.13 -4.18 43.47
CA LEU B 270 -11.07 -4.21 42.36
C LEU B 270 -10.46 -3.65 41.09
N ALA B 271 -11.21 -3.71 40.00
CA ALA B 271 -10.71 -3.17 38.74
C ALA B 271 -10.85 -1.64 38.81
N TYR B 272 -11.72 -1.15 39.69
CA TYR B 272 -11.90 0.29 39.83
C TYR B 272 -12.99 0.67 40.81
N CYS B 273 -13.06 1.95 41.12
CA CYS B 273 -14.10 2.53 41.97
C CYS B 273 -14.60 3.71 41.12
N HIS B 274 -15.91 3.76 40.92
CA HIS B 274 -16.58 4.77 40.09
C HIS B 274 -17.34 5.69 41.04
N VAL B 275 -17.02 6.98 41.07
CA VAL B 275 -17.72 7.88 41.98
C VAL B 275 -18.35 9.10 41.31
N VAL B 276 -19.60 9.37 41.65
CA VAL B 276 -20.27 10.51 41.05
C VAL B 276 -19.96 11.81 41.78
N GLU B 277 -19.55 12.82 41.02
CA GLU B 277 -19.23 14.14 41.57
C GLU B 277 -20.44 14.72 42.30
N PRO B 278 -20.20 15.54 43.34
CA PRO B 278 -21.31 16.15 44.07
C PRO B 278 -21.94 17.22 43.19
N ARG B 279 -23.26 17.34 43.22
CA ARG B 279 -23.97 18.33 42.40
C ARG B 279 -23.77 19.74 42.97
N THR B 290 -17.26 21.85 52.32
CA THR B 290 -17.71 21.52 50.97
C THR B 290 -17.49 20.05 50.66
N GLU B 291 -18.17 19.57 49.63
CA GLU B 291 -18.07 18.20 49.20
C GLU B 291 -17.09 18.12 48.04
N SER B 292 -16.20 17.12 48.10
CA SER B 292 -15.19 16.96 47.08
C SER B 292 -14.86 15.47 46.98
N LEU B 293 -14.32 15.05 45.85
CA LEU B 293 -13.96 13.66 45.72
C LEU B 293 -12.45 13.52 45.92
N VAL B 294 -11.77 14.63 46.15
CA VAL B 294 -10.33 14.58 46.33
C VAL B 294 -9.88 13.68 47.49
N PRO B 295 -10.48 13.84 48.66
CA PRO B 295 -10.07 12.98 49.77
C PRO B 295 -10.25 11.49 49.45
N MET B 296 -11.29 11.16 48.69
CA MET B 296 -11.57 9.77 48.33
C MET B 296 -10.58 9.25 47.29
N ARG B 297 -10.24 10.09 46.32
CA ARG B 297 -9.28 9.69 45.29
C ARG B 297 -7.94 9.35 45.98
N LYS B 298 -7.53 10.20 46.93
CA LYS B 298 -6.27 10.01 47.65
C LYS B 298 -6.30 8.79 48.55
N ALA B 299 -7.46 8.45 49.09
CA ALA B 299 -7.55 7.30 49.98
C ALA B 299 -7.69 5.97 49.25
N TYR B 300 -8.11 6.01 47.99
CA TYR B 300 -8.30 4.78 47.22
C TYR B 300 -7.01 4.45 46.45
N LYS B 301 -6.53 3.22 46.57
CA LYS B 301 -5.28 2.82 45.90
C LYS B 301 -5.43 2.26 44.49
N GLY B 302 -6.66 2.11 44.02
CA GLY B 302 -6.85 1.58 42.69
C GLY B 302 -7.27 2.64 41.68
N THR B 303 -7.73 2.18 40.53
CA THR B 303 -8.20 3.02 39.44
C THR B 303 -9.44 3.74 39.91
N PHE B 304 -9.46 5.07 39.72
CA PHE B 304 -10.57 5.90 40.17
C PHE B 304 -11.29 6.54 38.98
N ILE B 305 -12.60 6.32 38.88
CA ILE B 305 -13.36 6.90 37.78
C ILE B 305 -14.29 7.96 38.33
N VAL B 306 -14.36 9.11 37.66
CA VAL B 306 -15.27 10.17 38.10
C VAL B 306 -16.29 10.38 36.99
N ALA B 307 -17.45 10.89 37.36
CA ALA B 307 -18.53 11.18 36.43
C ALA B 307 -19.40 12.27 37.03
N GLY B 308 -20.11 12.99 36.18
CA GLY B 308 -20.98 14.04 36.68
C GLY B 308 -20.67 15.44 36.18
N GLY B 309 -21.23 15.82 35.03
CA GLY B 309 -21.03 17.16 34.49
C GLY B 309 -19.77 17.48 33.70
N TYR B 310 -18.97 16.48 33.39
CA TYR B 310 -17.74 16.71 32.66
C TYR B 310 -17.89 16.96 31.17
N ASP B 311 -16.92 17.65 30.61
CA ASP B 311 -16.88 17.90 29.18
C ASP B 311 -15.41 17.68 28.83
N ARG B 312 -14.99 18.10 27.65
CA ARG B 312 -13.61 17.90 27.23
C ARG B 312 -12.62 18.58 28.18
N GLU B 313 -12.84 19.87 28.38
CA GLU B 313 -12.00 20.70 29.22
C GLU B 313 -11.88 20.21 30.66
N ASP B 314 -13.01 20.03 31.31
CA ASP B 314 -13.01 19.58 32.70
C ASP B 314 -12.48 18.17 32.82
N GLY B 315 -12.60 17.41 31.76
CA GLY B 315 -12.12 16.05 31.79
C GLY B 315 -10.62 16.00 31.76
N ASN B 316 -10.02 16.78 30.87
CA ASN B 316 -8.56 16.81 30.78
C ASN B 316 -7.98 17.37 32.06
N ARG B 317 -8.59 18.44 32.56
CA ARG B 317 -8.15 19.09 33.78
C ARG B 317 -8.18 18.14 34.98
N ALA B 318 -9.13 17.23 34.99
CA ALA B 318 -9.25 16.26 36.09
C ALA B 318 -8.03 15.35 36.06
N LEU B 319 -7.62 14.91 34.87
CA LEU B 319 -6.46 14.07 34.72
C LEU B 319 -5.17 14.83 35.03
N ILE B 320 -5.10 16.08 34.60
CA ILE B 320 -3.90 16.90 34.84
C ILE B 320 -3.72 17.14 36.34
N GLU B 321 -4.83 17.30 37.04
CA GLU B 321 -4.82 17.53 38.47
C GLU B 321 -4.72 16.23 39.26
N ASP B 322 -4.68 15.12 38.54
CA ASP B 322 -4.57 13.80 39.16
C ASP B 322 -5.73 13.50 40.10
N ARG B 323 -6.90 13.97 39.72
CA ARG B 323 -8.09 13.73 40.53
C ARG B 323 -8.80 12.43 40.12
N ALA B 324 -8.30 11.79 39.07
CA ALA B 324 -8.93 10.56 38.60
C ALA B 324 -8.06 9.92 37.53
N ASP B 325 -8.31 8.65 37.26
CA ASP B 325 -7.59 7.95 36.21
C ASP B 325 -8.48 7.85 34.98
N LEU B 326 -9.79 7.77 35.20
CA LEU B 326 -10.75 7.67 34.10
C LEU B 326 -11.90 8.63 34.24
N VAL B 327 -12.48 9.02 33.11
CA VAL B 327 -13.61 9.95 33.13
C VAL B 327 -14.81 9.40 32.34
N ALA B 328 -15.93 9.26 33.03
CA ALA B 328 -17.12 8.74 32.41
C ALA B 328 -18.06 9.87 31.95
N TYR B 329 -18.62 9.66 30.77
CA TYR B 329 -19.53 10.61 30.16
C TYR B 329 -20.87 9.94 29.90
N GLY B 330 -21.94 10.64 30.26
CA GLY B 330 -23.27 10.13 30.06
C GLY B 330 -23.94 10.84 28.90
N ARG B 331 -24.64 11.93 29.20
CA ARG B 331 -25.36 12.71 28.20
C ARG B 331 -24.66 13.00 26.90
N LEU B 332 -23.40 13.43 26.95
CA LEU B 332 -22.67 13.70 25.71
C LEU B 332 -22.44 12.42 24.91
N PHE B 333 -22.41 11.28 25.60
CA PHE B 333 -22.18 10.03 24.90
C PHE B 333 -23.51 9.57 24.25
N ILE B 334 -24.63 10.07 24.78
CA ILE B 334 -25.91 9.70 24.19
C ILE B 334 -26.00 10.35 22.81
N SER B 335 -25.63 11.62 22.71
CA SER B 335 -25.71 12.29 21.42
C SER B 335 -24.46 12.21 20.51
N ASN B 336 -23.38 11.64 21.05
CA ASN B 336 -22.16 11.51 20.24
C ASN B 336 -21.61 10.07 20.27
N PRO B 337 -22.06 9.22 19.34
CA PRO B 337 -21.58 7.84 19.32
C PRO B 337 -20.06 7.81 19.37
N ASP B 338 -19.46 8.77 18.68
CA ASP B 338 -18.01 8.88 18.60
C ASP B 338 -17.40 9.99 19.48
N LEU B 339 -17.80 10.06 20.74
CA LEU B 339 -17.26 11.10 21.64
C LEU B 339 -15.75 11.02 21.79
N PRO B 340 -15.17 9.80 21.88
CA PRO B 340 -13.72 9.72 22.03
C PRO B 340 -13.00 10.35 20.84
N LYS B 341 -13.50 10.08 19.64
CA LYS B 341 -12.91 10.64 18.45
C LYS B 341 -13.12 12.17 18.37
N ARG B 342 -14.31 12.64 18.73
CA ARG B 342 -14.58 14.07 18.67
C ARG B 342 -13.68 14.80 19.66
N PHE B 343 -13.48 14.22 20.84
CA PHE B 343 -12.64 14.87 21.84
C PHE B 343 -11.22 14.97 21.32
N GLU B 344 -10.75 13.88 20.73
CA GLU B 344 -9.42 13.83 20.18
C GLU B 344 -9.16 14.91 19.13
N LEU B 345 -10.13 15.18 18.28
CA LEU B 345 -9.98 16.20 17.23
C LEU B 345 -10.48 17.56 17.72
N ASN B 346 -10.93 17.61 18.97
CA ASN B 346 -11.48 18.83 19.53
C ASN B 346 -12.56 19.32 18.56
N ALA B 347 -13.36 18.38 18.11
CA ALA B 347 -14.45 18.63 17.17
C ALA B 347 -15.75 19.04 17.87
N PRO B 348 -16.63 19.76 17.14
CA PRO B 348 -17.92 20.19 17.70
C PRO B 348 -18.72 18.96 18.19
N LEU B 349 -19.67 19.17 19.09
CA LEU B 349 -20.46 18.05 19.64
C LEU B 349 -21.97 18.18 19.42
N ASN B 350 -22.61 17.06 19.07
CA ASN B 350 -24.06 17.05 18.88
C ASN B 350 -24.68 17.37 20.23
N LYS B 351 -25.80 18.07 20.21
CA LYS B 351 -26.49 18.40 21.44
C LYS B 351 -27.38 17.22 21.74
N TYR B 352 -27.65 16.98 23.01
CA TYR B 352 -28.51 15.87 23.37
C TYR B 352 -29.93 16.31 23.62
N ASN B 353 -30.86 15.43 23.27
CA ASN B 353 -32.28 15.66 23.42
C ASN B 353 -32.81 14.82 24.59
N ARG B 354 -32.89 15.43 25.77
CA ARG B 354 -33.37 14.74 26.97
C ARG B 354 -34.74 14.11 26.81
N ASP B 355 -35.57 14.71 25.96
CA ASP B 355 -36.91 14.20 25.77
C ASP B 355 -36.99 12.80 25.19
N THR B 356 -35.90 12.33 24.59
CA THR B 356 -35.89 11.00 24.05
C THR B 356 -34.91 10.09 24.80
N PHE B 357 -34.51 10.53 26.00
CA PHE B 357 -33.60 9.76 26.84
C PHE B 357 -34.28 8.46 27.29
N TYR B 358 -35.53 8.60 27.75
CA TYR B 358 -36.32 7.49 28.26
C TYR B 358 -37.50 7.02 27.43
N THR B 359 -37.53 7.38 26.16
CA THR B 359 -38.63 6.96 25.30
C THR B 359 -38.30 5.58 24.74
N SER B 360 -39.28 4.91 24.13
CA SER B 360 -39.05 3.55 23.67
C SER B 360 -38.82 3.23 22.20
N ASP B 361 -38.57 4.23 21.37
CA ASP B 361 -38.35 3.93 19.96
C ASP B 361 -37.01 3.22 19.82
N PRO B 362 -36.92 2.20 18.96
CA PRO B 362 -35.66 1.47 18.79
C PRO B 362 -34.60 2.27 18.05
N ILE B 363 -35.00 3.40 17.48
CA ILE B 363 -34.09 4.24 16.71
C ILE B 363 -34.03 5.71 17.10
N VAL B 364 -35.17 6.39 17.16
CA VAL B 364 -35.19 7.82 17.49
C VAL B 364 -34.65 8.17 18.87
N GLY B 365 -33.62 9.00 18.90
CA GLY B 365 -33.01 9.42 20.16
C GLY B 365 -32.13 8.35 20.76
N TYR B 366 -31.96 7.25 20.03
CA TYR B 366 -31.18 6.12 20.48
C TYR B 366 -29.98 5.83 19.56
N THR B 367 -30.24 5.61 18.27
CA THR B 367 -29.17 5.36 17.31
C THR B 367 -29.10 6.38 16.16
N ASP B 368 -29.99 7.38 16.16
CA ASP B 368 -29.98 8.37 15.07
C ASP B 368 -29.02 9.54 15.26
N TYR B 369 -28.26 9.55 16.36
CA TYR B 369 -27.30 10.63 16.58
C TYR B 369 -26.11 10.36 15.65
N PRO B 370 -25.78 11.32 14.79
CA PRO B 370 -24.69 11.26 13.80
C PRO B 370 -23.23 11.18 14.23
N PHE B 371 -22.42 10.58 13.36
CA PHE B 371 -20.98 10.50 13.57
C PHE B 371 -20.42 11.76 12.89
N LEU B 372 -19.13 12.01 13.07
CA LEU B 372 -18.48 13.17 12.45
C LEU B 372 -18.58 13.19 10.93
#